data_6VXI
#
_entry.id   6VXI
#
_cell.length_a   1.00
_cell.length_b   1.00
_cell.length_c   1.00
_cell.angle_alpha   90.00
_cell.angle_beta   90.00
_cell.angle_gamma   90.00
#
_symmetry.space_group_name_H-M   'P 1'
#
loop_
_entity.id
_entity.type
_entity.pdbx_description
1 polymer 'Broad substrate specificity ATP-binding cassette transporter ABCG2'
2 non-polymer CHOLESTEROL
3 non-polymer 1,4-DIHYDROXY-5,8-BIS({2-[(2-HYDROXYETHYL)AMINO]ETHYL}AMINO)-9,10-ANTHRACENEDIONE
#
_entity_poly.entity_id   1
_entity_poly.type   'polypeptide(L)'
_entity_poly.pdbx_seq_one_letter_code
;MSSSNVEVFIPVSQGNTNGFPATASNDLKAFTEGAVLSFHNICYRVKLKSGFLPCRKPVEKEILSNINGIMKPGLNAILG
PTGGGKSSLLDVLAARKDPSGLSGDVLINGAPRPANFKCNSGYVVQDDVVMGTLTVRENLQFSAALRLATTMTNHEKNER
INRVIQELGLDKVADSKVGTQFIRGVSGGERKRTSIGMELITDPSILFLDEPTTGLDSSTANAVLLLLKRMSKQGRTIIF
SIHQPRYSIFKLFDSLTLLASGRLMFHGPAQEALGYFESAGYHCEAYNNPADFFLDIINGDSTAVALNREEDFKATEIIE
PSKQDKPLIEKLAEIYVNSSFYKETKAELHQLSGGEKKKKITVFKEISYTTSFCHQLRWVSKRSFKNLLGNPQASIAQII
VTVVLGLVIGAIYFGLKNDSTGIQNRAGVLFFLTTNQCFSSVSAVELFVVEKKLFIHEYISGYYRVSSYFLGKLLSDLLP
MRMLPSIIFTCIVYFMLGLKPKADAFFVMMFTLMMVAYSASSMALAIAAGQSVVSVATLLMTICFVFMMIFSGLLVNLTT
IASWLSWLQYFSIPRYGFTALQHNEFLGQNFCPGLNATGNNPCNYATCTGEEYLVKQGIDLSPWGLWKNHVALACMIVIF
LTIAYLKLLFLKKYS
;
_entity_poly.pdbx_strand_id   A,B
#
loop_
_chem_comp.id
_chem_comp.type
_chem_comp.name
_chem_comp.formula
CLR non-polymer CHOLESTEROL 'C27 H46 O'
MIX non-polymer 1,4-DIHYDROXY-5,8-BIS({2-[(2-HYDROXYETHYL)AMINO]ETHYL}AMINO)-9,10-ANTHRACENEDIONE 'C22 H28 N4 O6'
#
# COMPACT_ATOMS: atom_id res chain seq x y z
N ALA A 35 9.09 40.64 15.21
CA ALA A 35 8.43 39.78 16.19
C ALA A 35 9.34 38.64 16.61
N VAL A 36 9.44 38.42 17.91
CA VAL A 36 10.32 37.40 18.47
C VAL A 36 9.47 36.42 19.27
N LEU A 37 9.87 35.15 19.28
CA LEU A 37 9.13 34.13 19.99
C LEU A 37 9.86 33.77 21.28
N SER A 38 9.11 33.26 22.24
CA SER A 38 9.66 32.87 23.53
C SER A 38 8.69 31.90 24.19
N PHE A 39 9.22 31.07 25.08
CA PHE A 39 8.40 30.04 25.72
C PHE A 39 9.05 29.64 27.03
N HIS A 40 8.22 29.28 28.00
CA HIS A 40 8.69 29.10 29.37
C HIS A 40 7.97 27.93 30.02
N ASN A 41 8.76 26.98 30.54
CA ASN A 41 8.30 25.88 31.40
C ASN A 41 7.23 25.02 30.72
N ILE A 42 7.50 24.67 29.47
CA ILE A 42 6.52 23.99 28.62
C ILE A 42 6.37 22.55 29.08
N CYS A 43 5.22 22.24 29.66
CA CYS A 43 4.90 20.89 30.09
C CYS A 43 3.81 20.36 29.17
N TYR A 44 4.14 19.34 28.38
CA TYR A 44 3.18 18.72 27.47
C TYR A 44 3.02 17.26 27.85
N ARG A 45 1.77 16.85 28.08
CA ARG A 45 1.41 15.47 28.33
C ARG A 45 0.60 14.94 27.15
N VAL A 46 0.62 13.63 26.96
CA VAL A 46 -0.18 13.02 25.90
C VAL A 46 -1.65 12.97 26.31
N LYS A 61 1.82 10.25 30.33
CA LYS A 61 3.20 10.34 29.88
C LYS A 61 3.50 11.73 29.35
N GLU A 62 4.54 12.36 29.87
CA GLU A 62 4.90 13.72 29.49
C GLU A 62 5.92 13.66 28.36
N ILE A 63 5.51 14.03 27.14
CA ILE A 63 6.42 13.94 26.01
C ILE A 63 7.32 15.16 25.92
N LEU A 64 6.99 16.25 26.62
CA LEU A 64 7.76 17.49 26.56
C LEU A 64 7.64 18.14 27.93
N SER A 65 8.63 17.87 28.79
CA SER A 65 8.45 18.06 30.23
C SER A 65 8.88 19.44 30.72
N ASN A 66 10.15 19.79 30.60
CA ASN A 66 10.73 20.92 31.30
C ASN A 66 11.50 21.82 30.35
N ILE A 67 10.87 22.18 29.25
CA ILE A 67 11.52 22.87 28.15
C ILE A 67 11.17 24.35 28.21
N ASN A 68 12.19 25.19 28.22
CA ASN A 68 12.03 26.64 28.15
C ASN A 68 13.17 27.22 27.34
N GLY A 69 12.87 28.26 26.58
CA GLY A 69 13.88 28.87 25.73
C GLY A 69 13.36 30.13 25.08
N ILE A 70 14.29 30.90 24.53
CA ILE A 70 13.97 32.14 23.85
C ILE A 70 14.49 32.04 22.41
N MET A 71 13.72 32.60 21.49
CA MET A 71 14.14 32.69 20.10
C MET A 71 14.71 34.08 19.82
N LYS A 72 15.13 34.28 18.58
CA LYS A 72 15.65 35.53 18.07
C LYS A 72 15.11 35.71 16.66
N PRO A 73 14.90 36.96 16.21
CA PRO A 73 14.42 37.16 14.83
C PRO A 73 15.52 36.92 13.80
N GLY A 74 16.00 35.68 13.74
CA GLY A 74 17.13 35.29 12.95
C GLY A 74 16.87 33.96 12.31
N LEU A 75 17.71 32.98 12.58
CA LEU A 75 17.54 31.62 12.06
C LEU A 75 17.81 30.64 13.19
N ASN A 76 16.76 30.00 13.69
CA ASN A 76 16.87 29.10 14.83
C ASN A 76 16.80 27.66 14.35
N ALA A 77 16.98 26.72 15.27
CA ALA A 77 16.99 25.30 14.90
C ALA A 77 16.64 24.43 16.09
N ILE A 78 16.01 23.30 15.81
CA ILE A 78 15.60 22.33 16.83
C ILE A 78 16.23 21.00 16.47
N LEU A 79 17.33 20.65 17.13
CA LEU A 79 18.13 19.49 16.77
C LEU A 79 17.86 18.33 17.72
N GLY A 80 18.49 17.20 17.43
CA GLY A 80 18.41 16.04 18.29
C GLY A 80 17.91 14.81 17.58
N PRO A 81 17.64 13.75 18.34
CA PRO A 81 17.04 12.55 17.76
C PRO A 81 15.54 12.76 17.55
N THR A 82 14.99 11.95 16.65
CA THR A 82 13.57 12.09 16.32
C THR A 82 12.67 11.39 17.33
N GLY A 83 13.22 10.53 18.18
CA GLY A 83 12.41 9.87 19.18
C GLY A 83 11.95 10.77 20.30
N GLY A 84 12.71 11.81 20.62
CA GLY A 84 12.35 12.73 21.68
C GLY A 84 11.29 13.72 21.28
N GLY A 85 11.37 14.92 21.86
CA GLY A 85 10.38 15.94 21.58
C GLY A 85 10.83 16.91 20.52
N LYS A 86 11.65 16.44 19.57
CA LYS A 86 12.17 17.30 18.53
C LYS A 86 11.06 17.79 17.60
N SER A 87 10.28 16.86 17.06
CA SER A 87 9.12 17.25 16.27
C SER A 87 8.02 17.84 17.15
N SER A 88 7.97 17.43 18.41
CA SER A 88 6.90 17.88 19.29
C SER A 88 7.05 19.33 19.71
N LEU A 89 8.28 19.81 19.89
CA LEU A 89 8.49 21.20 20.29
C LEU A 89 8.16 22.16 19.16
N LEU A 90 8.32 21.71 17.92
CA LEU A 90 8.02 22.57 16.78
C LEU A 90 6.53 22.78 16.62
N ASP A 91 5.74 21.74 16.84
CA ASP A 91 4.30 21.87 16.70
C ASP A 91 3.70 22.67 17.84
N VAL A 92 4.34 22.66 19.01
CA VAL A 92 3.90 23.47 20.13
C VAL A 92 4.08 24.95 19.82
N LEU A 93 5.24 25.32 19.28
CA LEU A 93 5.48 26.71 18.92
C LEU A 93 4.63 27.13 17.73
N ALA A 94 4.25 26.19 16.88
CA ALA A 94 3.40 26.49 15.74
C ALA A 94 1.92 26.43 16.08
N ALA A 95 1.58 26.14 17.34
CA ALA A 95 0.22 25.86 17.81
C ALA A 95 -0.42 24.73 17.01
N ARG A 96 0.39 23.75 16.63
CA ARG A 96 -0.09 22.65 15.81
C ARG A 96 -0.52 21.46 16.64
N LYS A 97 0.01 21.30 17.85
CA LYS A 97 -0.56 20.30 18.75
C LYS A 97 -1.90 20.79 19.28
N ASP A 98 -2.63 19.89 19.90
CA ASP A 98 -3.80 20.39 20.59
C ASP A 98 -3.38 21.03 21.92
N PRO A 99 -4.00 22.12 22.33
CA PRO A 99 -3.56 22.82 23.54
C PRO A 99 -4.06 22.21 24.83
N SER A 100 -4.53 20.96 24.79
CA SER A 100 -5.07 20.31 25.98
C SER A 100 -3.96 19.97 26.96
N GLY A 101 -3.01 19.14 26.54
CA GLY A 101 -1.93 18.71 27.42
C GLY A 101 -0.85 19.72 27.67
N LEU A 102 -0.91 20.87 27.01
CA LEU A 102 0.08 21.92 27.21
C LEU A 102 -0.18 22.64 28.53
N SER A 103 0.90 22.99 29.22
CA SER A 103 0.80 23.73 30.47
C SER A 103 1.47 25.10 30.40
N GLY A 104 2.65 25.19 29.81
CA GLY A 104 3.40 26.42 29.77
C GLY A 104 2.81 27.46 28.82
N ASP A 105 3.55 28.55 28.67
CA ASP A 105 3.12 29.69 27.85
C ASP A 105 4.14 29.99 26.76
N VAL A 106 3.68 29.99 25.51
CA VAL A 106 4.49 30.43 24.38
C VAL A 106 4.21 31.91 24.21
N LEU A 107 5.14 32.74 24.63
CA LEU A 107 4.97 34.19 24.65
C LEU A 107 5.65 34.76 23.42
N ILE A 108 4.87 35.32 22.51
CA ILE A 108 5.44 35.93 21.31
C ILE A 108 5.66 37.43 21.56
N ASN A 109 6.94 37.83 21.58
CA ASN A 109 7.45 39.17 21.92
C ASN A 109 6.75 39.82 23.12
N GLY A 110 6.49 39.01 24.15
CA GLY A 110 5.81 39.48 25.33
C GLY A 110 4.31 39.31 25.29
N ALA A 111 3.72 39.38 24.12
CA ALA A 111 2.29 39.13 24.03
C ALA A 111 2.02 37.62 24.05
N PRO A 112 0.90 37.19 24.64
CA PRO A 112 0.51 35.79 24.52
C PRO A 112 0.04 35.50 23.10
N ARG A 113 0.04 34.23 22.76
CA ARG A 113 -0.31 33.82 21.40
C ARG A 113 -1.80 33.95 21.19
N PRO A 114 -2.25 34.71 20.21
CA PRO A 114 -3.68 34.81 19.92
C PRO A 114 -4.16 33.59 19.14
N ALA A 115 -5.48 33.55 18.88
CA ALA A 115 -6.04 32.44 18.13
C ALA A 115 -5.79 32.56 16.64
N ASN A 116 -5.51 33.76 16.12
CA ASN A 116 -5.14 33.94 14.73
C ASN A 116 -3.64 33.98 14.53
N PHE A 117 -2.88 33.36 15.44
CA PHE A 117 -1.45 33.20 15.24
C PHE A 117 -1.15 32.21 14.14
N LYS A 118 -2.02 31.21 13.96
CA LYS A 118 -1.78 30.18 12.96
C LYS A 118 -1.98 30.70 11.55
N CYS A 119 -2.87 31.68 11.37
CA CYS A 119 -3.03 32.27 10.05
C CYS A 119 -1.97 33.32 9.75
N ASN A 120 -1.18 33.72 10.75
CA ASN A 120 -0.11 34.69 10.55
C ASN A 120 1.26 34.06 10.30
N SER A 121 1.41 32.77 10.58
CA SER A 121 2.72 32.13 10.56
C SER A 121 2.63 30.83 9.77
N GLY A 122 3.46 30.70 8.75
CA GLY A 122 3.45 29.50 7.95
C GLY A 122 4.08 28.31 8.66
N TYR A 123 3.87 27.13 8.09
CA TYR A 123 4.41 25.90 8.65
C TYR A 123 4.62 24.94 7.48
N VAL A 124 5.86 24.84 7.00
CA VAL A 124 6.22 23.89 5.97
C VAL A 124 6.27 22.51 6.60
N VAL A 125 5.34 21.64 6.23
CA VAL A 125 5.28 20.30 6.82
C VAL A 125 6.35 19.45 6.14
N GLN A 126 6.61 18.26 6.67
CA GLN A 126 7.77 17.47 6.26
C GLN A 126 7.66 16.98 4.82
N ASP A 127 6.62 16.21 4.52
CA ASP A 127 6.44 15.72 3.16
C ASP A 127 5.94 16.85 2.28
N ASP A 128 6.23 16.74 0.99
CA ASP A 128 5.78 17.76 0.05
C ASP A 128 4.28 17.60 -0.17
N VAL A 129 3.50 18.54 0.35
CA VAL A 129 2.06 18.51 0.20
C VAL A 129 1.58 19.52 -0.84
N VAL A 130 2.48 20.01 -1.69
CA VAL A 130 2.06 20.87 -2.78
C VAL A 130 1.32 20.04 -3.81
N MET A 131 0.46 20.69 -4.57
CA MET A 131 -0.31 19.99 -5.60
C MET A 131 0.60 19.66 -6.76
N GLY A 132 0.90 18.36 -6.91
CA GLY A 132 1.91 17.95 -7.87
C GLY A 132 1.44 18.05 -9.31
N THR A 133 0.15 17.86 -9.54
CA THR A 133 -0.41 17.97 -10.89
C THR A 133 -0.91 19.38 -11.15
N LEU A 134 -0.10 20.38 -10.82
CA LEU A 134 -0.36 21.76 -11.20
C LEU A 134 0.97 22.44 -11.48
N THR A 135 0.87 23.63 -12.06
CA THR A 135 2.03 24.44 -12.34
C THR A 135 2.30 25.35 -11.15
N VAL A 136 3.60 25.53 -10.85
CA VAL A 136 4.06 26.32 -9.70
C VAL A 136 3.55 27.77 -9.75
N ARG A 137 3.33 28.31 -10.95
CA ARG A 137 2.68 29.62 -11.06
C ARG A 137 1.26 29.57 -10.53
N GLU A 138 0.51 28.53 -10.90
CA GLU A 138 -0.82 28.37 -10.33
C GLU A 138 -0.77 27.88 -8.90
N ASN A 139 0.31 27.20 -8.51
CA ASN A 139 0.40 26.68 -7.16
C ASN A 139 0.59 27.78 -6.13
N LEU A 140 1.30 28.85 -6.51
CA LEU A 140 1.35 30.04 -5.66
C LEU A 140 0.08 30.86 -5.79
N GLN A 141 -0.63 30.73 -6.91
CA GLN A 141 -1.86 31.47 -7.09
C GLN A 141 -2.99 30.93 -6.22
N PHE A 142 -2.92 29.66 -5.85
CA PHE A 142 -3.99 29.04 -5.07
C PHE A 142 -4.03 29.61 -3.67
N SER A 143 -2.88 29.72 -3.02
CA SER A 143 -2.84 30.31 -1.69
C SER A 143 -3.08 31.80 -1.72
N ALA A 144 -2.67 32.46 -2.80
CA ALA A 144 -2.79 33.91 -2.90
C ALA A 144 -4.23 34.36 -2.99
N ALA A 145 -5.10 33.55 -3.57
CA ALA A 145 -6.50 33.92 -3.70
C ALA A 145 -7.31 33.61 -2.45
N LEU A 146 -6.80 32.77 -1.57
CA LEU A 146 -7.57 32.31 -0.42
C LEU A 146 -7.27 33.08 0.86
N ARG A 147 -6.27 33.96 0.85
CA ARG A 147 -5.91 34.70 2.05
C ARG A 147 -5.67 36.18 1.81
N LEU A 148 -6.03 36.70 0.64
CA LEU A 148 -5.75 38.12 0.36
C LEU A 148 -6.88 38.89 -0.30
N ALA A 149 -7.83 38.26 -1.00
CA ALA A 149 -8.72 38.97 -1.91
C ALA A 149 -9.92 39.61 -1.25
N THR A 150 -9.86 39.89 0.06
CA THR A 150 -11.01 40.47 0.74
C THR A 150 -11.21 41.93 0.36
N THR A 151 -10.14 42.70 0.27
CA THR A 151 -10.29 44.13 0.00
C THR A 151 -9.41 44.59 -1.16
N MET A 152 -8.27 43.94 -1.36
CA MET A 152 -7.46 44.29 -2.52
C MET A 152 -8.05 43.65 -3.77
N THR A 153 -7.70 44.21 -4.92
CA THR A 153 -8.22 43.71 -6.17
C THR A 153 -7.40 42.51 -6.64
N ASN A 154 -7.67 42.07 -7.87
CA ASN A 154 -6.96 40.91 -8.40
C ASN A 154 -5.54 41.26 -8.77
N HIS A 155 -5.35 42.22 -9.67
CA HIS A 155 -4.02 42.57 -10.17
C HIS A 155 -3.18 43.30 -9.13
N GLU A 156 -3.78 43.77 -8.04
CA GLU A 156 -2.99 44.27 -6.93
C GLU A 156 -2.18 43.14 -6.27
N LYS A 157 -2.85 42.03 -5.94
CA LYS A 157 -2.19 40.89 -5.31
C LYS A 157 -1.32 40.11 -6.29
N ASN A 158 -1.41 40.38 -7.60
CA ASN A 158 -0.53 39.77 -8.58
C ASN A 158 0.93 40.16 -8.40
N GLU A 159 1.21 41.25 -7.68
CA GLU A 159 2.57 41.70 -7.48
C GLU A 159 3.34 40.73 -6.60
N ARG A 160 2.79 40.38 -5.45
CA ARG A 160 3.50 39.55 -4.50
C ARG A 160 3.56 38.08 -4.91
N ILE A 161 2.84 37.66 -5.94
CA ILE A 161 3.08 36.34 -6.49
C ILE A 161 4.37 36.35 -7.30
N ASN A 162 4.65 37.47 -7.97
CA ASN A 162 5.91 37.62 -8.68
C ASN A 162 7.01 38.16 -7.77
N ARG A 163 6.67 38.85 -6.69
CA ARG A 163 7.70 39.39 -5.82
C ARG A 163 8.42 38.27 -5.07
N VAL A 164 7.70 37.16 -4.81
CA VAL A 164 8.31 36.02 -4.14
C VAL A 164 8.86 34.99 -5.12
N ILE A 165 8.76 35.24 -6.42
CA ILE A 165 9.15 34.21 -7.37
C ILE A 165 10.65 34.20 -7.66
N GLN A 166 11.36 35.29 -7.37
CA GLN A 166 12.81 35.28 -7.58
C GLN A 166 13.61 35.21 -6.29
N GLU A 167 13.02 35.55 -5.14
CA GLU A 167 13.75 35.38 -3.88
C GLU A 167 13.89 33.90 -3.55
N LEU A 168 12.92 33.10 -3.96
CA LEU A 168 13.08 31.65 -3.93
C LEU A 168 13.95 31.16 -5.07
N GLY A 169 14.00 31.89 -6.18
CA GLY A 169 14.66 31.41 -7.37
C GLY A 169 13.81 30.50 -8.21
N LEU A 170 12.49 30.68 -8.18
CA LEU A 170 11.57 29.77 -8.84
C LEU A 170 11.19 30.24 -10.25
N ASP A 171 11.88 31.25 -10.78
CA ASP A 171 11.51 31.81 -12.08
C ASP A 171 11.83 30.88 -13.23
N LYS A 172 12.81 29.98 -13.07
CA LYS A 172 13.14 29.04 -14.12
C LYS A 172 12.19 27.87 -14.18
N VAL A 173 11.40 27.63 -13.13
CA VAL A 173 10.46 26.53 -13.10
C VAL A 173 9.09 27.06 -12.72
N ALA A 174 8.83 28.33 -13.04
CA ALA A 174 7.56 28.95 -12.68
C ALA A 174 6.41 28.39 -13.50
N ASP A 175 6.64 28.10 -14.78
CA ASP A 175 5.59 27.66 -15.68
C ASP A 175 5.72 26.19 -16.04
N SER A 176 6.08 25.37 -15.06
CA SER A 176 6.19 23.94 -15.25
C SER A 176 5.42 23.22 -14.16
N LYS A 177 4.96 22.01 -14.48
CA LYS A 177 4.26 21.20 -13.50
C LYS A 177 5.24 20.67 -12.45
N VAL A 178 4.72 20.42 -11.25
CA VAL A 178 5.59 20.23 -10.08
C VAL A 178 6.28 18.88 -10.13
N GLY A 179 5.51 17.80 -10.11
CA GLY A 179 6.11 16.49 -10.16
C GLY A 179 5.67 15.58 -9.03
N THR A 180 5.26 14.36 -9.40
CA THR A 180 4.68 13.40 -8.47
C THR A 180 5.39 12.07 -8.62
N GLN A 181 4.79 11.01 -8.08
CA GLN A 181 5.23 9.66 -8.39
C GLN A 181 4.54 9.08 -9.60
N PHE A 182 3.54 9.78 -10.14
CA PHE A 182 2.88 9.38 -11.37
C PHE A 182 3.34 10.15 -12.60
N ILE A 183 4.05 11.26 -12.41
CA ILE A 183 4.47 12.12 -13.50
C ILE A 183 5.78 12.80 -13.11
N ARG A 184 6.48 13.32 -14.11
CA ARG A 184 7.74 14.02 -13.86
C ARG A 184 7.54 15.52 -14.05
N GLY A 185 8.35 16.31 -13.35
CA GLY A 185 8.23 17.75 -13.32
C GLY A 185 9.48 18.42 -12.78
N VAL A 186 9.29 19.40 -11.89
CA VAL A 186 10.41 20.09 -11.25
C VAL A 186 11.17 19.13 -10.34
N SER A 187 12.48 19.34 -10.24
CA SER A 187 13.35 18.54 -9.39
C SER A 187 12.99 18.70 -7.92
N GLY A 188 13.41 17.72 -7.12
CA GLY A 188 12.99 17.60 -5.72
C GLY A 188 13.52 18.70 -4.82
N GLY A 189 14.61 19.36 -5.22
CA GLY A 189 15.11 20.47 -4.43
C GLY A 189 14.21 21.70 -4.51
N GLU A 190 13.46 21.83 -5.60
CA GLU A 190 12.55 22.95 -5.76
C GLU A 190 11.09 22.55 -5.54
N ARG A 191 10.82 21.27 -5.29
CA ARG A 191 9.54 20.91 -4.68
C ARG A 191 9.45 21.44 -3.26
N LYS A 192 10.59 21.46 -2.56
CA LYS A 192 10.59 22.01 -1.21
C LYS A 192 10.53 23.53 -1.21
N ARG A 193 11.04 24.16 -2.27
CA ARG A 193 11.07 25.61 -2.30
C ARG A 193 9.67 26.19 -2.54
N THR A 194 8.88 25.55 -3.39
CA THR A 194 7.52 26.04 -3.61
C THR A 194 6.62 25.77 -2.42
N SER A 195 6.99 24.82 -1.55
CA SER A 195 6.31 24.69 -0.28
C SER A 195 6.57 25.90 0.60
N ILE A 196 7.79 26.45 0.54
CA ILE A 196 8.17 27.55 1.42
C ILE A 196 7.49 28.83 0.99
N GLY A 197 7.50 29.12 -0.31
CA GLY A 197 6.87 30.33 -0.80
C GLY A 197 5.36 30.31 -0.72
N MET A 198 4.77 29.12 -0.60
CA MET A 198 3.32 28.99 -0.56
C MET A 198 2.73 29.59 0.71
N GLU A 199 3.47 29.57 1.80
CA GLU A 199 3.07 30.27 3.01
C GLU A 199 3.77 31.60 3.18
N LEU A 200 4.64 31.98 2.25
CA LEU A 200 5.27 33.29 2.26
C LEU A 200 4.38 34.38 1.67
N ILE A 201 3.21 34.01 1.15
CA ILE A 201 2.36 34.98 0.45
C ILE A 201 1.71 35.94 1.44
N THR A 202 0.96 35.40 2.40
CA THR A 202 0.62 36.19 3.57
C THR A 202 1.90 36.55 4.30
N ASP A 203 1.96 37.79 4.76
CA ASP A 203 3.20 38.38 5.26
C ASP A 203 3.57 37.77 6.60
N PRO A 204 4.62 36.95 6.68
CA PRO A 204 4.89 36.25 7.94
C PRO A 204 5.89 36.96 8.84
N SER A 205 5.58 36.95 10.13
CA SER A 205 6.58 37.30 11.12
C SER A 205 7.38 36.09 11.55
N ILE A 206 6.71 34.94 11.63
CA ILE A 206 7.26 33.68 12.09
C ILE A 206 7.12 32.68 10.96
N LEU A 207 8.09 31.79 10.80
CA LEU A 207 8.02 30.77 9.76
C LEU A 207 8.70 29.50 10.25
N PHE A 208 7.93 28.45 10.43
CA PHE A 208 8.42 27.16 10.86
C PHE A 208 8.69 26.27 9.66
N LEU A 209 9.53 25.26 9.85
CA LEU A 209 9.77 24.26 8.82
C LEU A 209 9.98 22.91 9.50
N ASP A 210 9.04 22.00 9.31
CA ASP A 210 9.20 20.63 9.80
C ASP A 210 10.16 19.91 8.88
N GLU A 211 11.39 19.67 9.35
CA GLU A 211 12.49 18.92 8.75
C GLU A 211 12.71 19.21 7.28
N PRO A 212 13.10 20.42 6.89
CA PRO A 212 13.04 20.80 5.47
C PRO A 212 14.11 20.18 4.59
N THR A 213 14.94 19.27 5.11
CA THR A 213 15.92 18.59 4.28
C THR A 213 15.90 17.10 4.61
N THR A 214 14.72 16.50 4.60
CA THR A 214 14.60 15.05 4.69
C THR A 214 14.35 14.51 3.29
N GLY A 215 15.36 13.83 2.74
CA GLY A 215 15.28 13.36 1.38
C GLY A 215 15.37 14.50 0.38
N LEU A 216 16.54 15.14 0.30
CA LEU A 216 16.69 16.28 -0.59
C LEU A 216 18.04 16.29 -1.31
N ASP A 217 18.82 15.20 -1.21
CA ASP A 217 20.09 15.02 -1.94
C ASP A 217 21.09 16.13 -1.62
N SER A 218 21.72 16.03 -0.44
CA SER A 218 22.47 17.06 0.28
C SER A 218 23.38 17.98 -0.51
N SER A 219 23.79 17.58 -1.72
CA SER A 219 24.41 18.52 -2.65
C SER A 219 23.49 19.70 -2.97
N THR A 220 22.17 19.50 -2.95
CA THR A 220 21.21 20.58 -3.16
C THR A 220 20.76 21.22 -1.85
N ALA A 221 21.28 20.78 -0.71
CA ALA A 221 20.74 21.21 0.58
C ALA A 221 21.18 22.61 0.98
N ASN A 222 22.35 23.05 0.51
CA ASN A 222 22.91 24.29 1.00
C ASN A 222 22.16 25.51 0.45
N ALA A 223 21.73 25.44 -0.81
CA ALA A 223 21.14 26.60 -1.47
C ALA A 223 19.79 26.98 -0.87
N VAL A 224 18.97 25.99 -0.51
CA VAL A 224 17.73 26.30 0.20
C VAL A 224 18.01 26.74 1.63
N LEU A 225 19.03 26.17 2.26
CA LEU A 225 19.31 26.53 3.64
C LEU A 225 20.13 27.80 3.75
N LEU A 226 20.85 28.18 2.69
CA LEU A 226 21.38 29.54 2.63
C LEU A 226 20.25 30.53 2.37
N LEU A 227 19.21 30.09 1.65
CA LEU A 227 18.10 30.97 1.31
C LEU A 227 17.27 31.33 2.52
N LEU A 228 17.22 30.45 3.52
CA LEU A 228 16.51 30.78 4.74
C LEU A 228 17.25 31.86 5.53
N LYS A 229 18.57 31.90 5.41
CA LYS A 229 19.33 33.01 6.01
C LYS A 229 19.07 34.31 5.27
N ARG A 230 18.91 34.24 3.95
CA ARG A 230 18.65 35.45 3.17
C ARG A 230 17.27 36.01 3.46
N MET A 231 16.31 35.16 3.80
CA MET A 231 15.02 35.66 4.22
C MET A 231 15.09 36.25 5.62
N SER A 232 16.03 35.80 6.45
CA SER A 232 16.12 36.22 7.83
C SER A 232 16.69 37.63 8.00
N LYS A 233 17.24 38.23 6.95
CA LYS A 233 17.75 39.59 7.06
C LYS A 233 16.65 40.63 7.13
N GLN A 234 15.47 40.33 6.60
CA GLN A 234 14.35 41.26 6.59
C GLN A 234 13.60 41.28 7.90
N GLY A 235 13.75 40.25 8.73
CA GLY A 235 13.03 40.14 9.99
C GLY A 235 12.20 38.88 10.14
N ARG A 236 12.33 37.93 9.23
CA ARG A 236 11.53 36.71 9.29
C ARG A 236 12.17 35.75 10.28
N THR A 237 11.48 35.48 11.38
CA THR A 237 11.96 34.51 12.37
C THR A 237 11.78 33.11 11.82
N ILE A 238 12.86 32.34 11.77
CA ILE A 238 12.85 31.02 11.18
C ILE A 238 13.19 30.01 12.26
N ILE A 239 12.25 29.13 12.57
CA ILE A 239 12.42 28.10 13.58
C ILE A 239 12.17 26.77 12.90
N PHE A 240 13.21 26.13 12.42
CA PHE A 240 13.01 24.82 11.83
C PHE A 240 13.53 23.76 12.77
N SER A 241 13.33 22.50 12.36
CA SER A 241 13.84 21.35 13.09
C SER A 241 14.57 20.49 12.08
N ILE A 242 15.82 20.83 11.78
CA ILE A 242 16.57 20.12 10.76
C ILE A 242 17.00 18.75 11.27
N HIS A 243 17.19 17.81 10.36
CA HIS A 243 17.47 16.43 10.70
C HIS A 243 18.88 16.07 10.28
N GLN A 244 19.76 15.83 11.26
CA GLN A 244 21.16 15.49 11.15
C GLN A 244 21.95 16.46 10.28
N PRO A 245 22.18 17.70 10.71
CA PRO A 245 22.99 18.60 9.90
C PRO A 245 24.46 18.23 10.01
N ARG A 246 25.16 18.25 8.89
CA ARG A 246 26.52 17.73 8.93
C ARG A 246 27.51 18.78 9.44
N TYR A 247 27.81 19.78 8.63
CA TYR A 247 28.50 20.97 9.11
C TYR A 247 28.08 22.27 8.45
N SER A 248 27.51 22.22 7.23
CA SER A 248 27.49 23.39 6.36
C SER A 248 26.49 24.44 6.83
N ILE A 249 25.30 24.00 7.26
CA ILE A 249 24.37 24.92 7.86
C ILE A 249 24.74 25.19 9.31
N PHE A 250 25.54 24.32 9.92
CA PHE A 250 25.83 24.41 11.35
C PHE A 250 26.67 25.65 11.68
N LYS A 251 27.44 26.15 10.72
CA LYS A 251 28.11 27.42 10.94
C LYS A 251 27.12 28.57 10.86
N LEU A 252 26.04 28.41 10.09
CA LEU A 252 25.03 29.44 9.90
C LEU A 252 23.79 29.12 10.75
N PHE A 253 23.95 29.21 12.05
CA PHE A 253 22.84 29.10 12.98
C PHE A 253 22.85 30.30 13.91
N ASP A 254 21.76 31.05 13.91
CA ASP A 254 21.66 32.19 14.81
C ASP A 254 21.30 31.76 16.22
N SER A 255 20.67 30.61 16.38
CA SER A 255 20.42 29.95 17.65
C SER A 255 20.12 28.50 17.37
N LEU A 256 20.21 27.68 18.41
CA LEU A 256 19.79 26.29 18.26
C LEU A 256 19.25 25.81 19.58
N THR A 257 18.38 24.81 19.52
CA THR A 257 17.81 24.20 20.71
C THR A 257 17.84 22.69 20.50
N LEU A 258 18.85 22.04 21.05
CA LEU A 258 18.91 20.59 21.01
C LEU A 258 17.97 20.02 22.05
N LEU A 259 17.29 18.94 21.70
CA LEU A 259 16.30 18.33 22.57
C LEU A 259 16.33 16.83 22.37
N ALA A 260 16.37 16.09 23.48
CA ALA A 260 16.46 14.64 23.43
C ALA A 260 15.69 14.03 24.58
N SER A 261 14.84 13.05 24.25
CA SER A 261 14.10 12.23 25.22
C SER A 261 13.20 13.06 26.12
N GLY A 262 12.66 14.15 25.58
CA GLY A 262 11.79 15.00 26.36
C GLY A 262 12.45 15.82 27.43
N ARG A 263 13.78 15.85 27.45
CA ARG A 263 14.54 16.63 28.42
C ARG A 263 15.40 17.63 27.66
N LEU A 264 15.33 18.89 28.05
CA LEU A 264 16.05 19.93 27.34
C LEU A 264 17.55 19.83 27.62
N MET A 265 18.31 19.44 26.61
CA MET A 265 19.75 19.29 26.77
C MET A 265 20.46 20.63 26.70
N PHE A 266 20.33 21.34 25.59
CA PHE A 266 21.09 22.56 25.40
C PHE A 266 20.31 23.52 24.51
N HIS A 267 20.33 24.80 24.87
CA HIS A 267 19.76 25.85 24.04
C HIS A 267 20.70 27.04 24.08
N GLY A 268 21.17 27.45 22.92
CA GLY A 268 22.07 28.55 22.80
C GLY A 268 22.57 28.61 21.37
N PRO A 269 23.22 29.70 21.00
CA PRO A 269 23.72 29.83 19.62
C PRO A 269 24.83 28.85 19.33
N ALA A 270 25.04 28.59 18.04
CA ALA A 270 25.96 27.53 17.62
C ALA A 270 27.42 27.90 17.85
N GLN A 271 27.75 29.19 17.91
CA GLN A 271 29.13 29.58 18.11
C GLN A 271 29.59 29.32 19.54
N GLU A 272 28.67 29.47 20.50
CA GLU A 272 28.93 29.10 21.88
C GLU A 272 28.39 27.71 22.21
N ALA A 273 28.05 26.92 21.19
CA ALA A 273 27.69 25.53 21.41
C ALA A 273 28.92 24.66 21.54
N LEU A 274 30.00 25.01 20.83
CA LEU A 274 31.25 24.26 20.92
C LEU A 274 31.88 24.41 22.30
N GLY A 275 31.87 25.62 22.85
CA GLY A 275 32.41 25.90 24.16
C GLY A 275 31.56 25.45 25.33
N TYR A 276 30.51 24.66 25.10
CA TYR A 276 29.72 24.12 26.20
C TYR A 276 30.35 22.85 26.76
N PHE A 277 30.51 21.83 25.92
CA PHE A 277 30.81 20.49 26.40
C PHE A 277 32.27 20.33 26.81
N GLU A 278 33.17 21.15 26.27
CA GLU A 278 34.58 21.04 26.61
C GLU A 278 34.87 21.50 28.03
N SER A 279 33.95 22.22 28.67
CA SER A 279 34.01 22.52 30.09
C SER A 279 32.82 21.94 30.85
N ALA A 280 32.17 20.93 30.26
CA ALA A 280 31.04 20.28 30.91
C ALA A 280 31.26 18.81 31.22
N GLY A 281 32.39 18.23 30.80
CA GLY A 281 32.69 16.84 31.09
C GLY A 281 32.60 15.91 29.90
N TYR A 282 32.31 16.41 28.70
CA TYR A 282 32.18 15.58 27.51
C TYR A 282 33.11 16.11 26.44
N HIS A 283 34.17 15.37 26.16
CA HIS A 283 35.20 15.81 25.24
C HIS A 283 34.86 15.40 23.81
N CYS A 284 34.83 16.39 22.91
CA CYS A 284 34.74 16.15 21.47
C CYS A 284 36.01 16.72 20.86
N GLU A 285 36.99 15.85 20.63
CA GLU A 285 38.27 16.27 20.10
C GLU A 285 38.21 16.28 18.58
N ALA A 286 39.38 16.35 17.94
CA ALA A 286 39.50 16.39 16.49
C ALA A 286 38.99 15.10 15.85
N TYR A 287 38.68 15.20 14.55
CA TYR A 287 38.08 14.14 13.73
C TYR A 287 36.76 13.63 14.31
N ASN A 288 36.00 14.55 14.91
CA ASN A 288 34.66 14.27 15.42
C ASN A 288 33.77 15.44 15.05
N ASN A 289 32.65 15.17 14.38
CA ASN A 289 31.74 16.23 13.97
C ASN A 289 31.03 16.80 15.19
N PRO A 290 30.96 18.14 15.32
CA PRO A 290 30.31 18.70 16.51
C PRO A 290 28.80 18.54 16.50
N ALA A 291 28.16 18.63 15.34
CA ALA A 291 26.71 18.43 15.27
C ALA A 291 26.33 16.97 15.40
N ASP A 292 27.28 16.06 15.23
CA ASP A 292 27.03 14.64 15.45
C ASP A 292 27.45 14.20 16.84
N PHE A 293 28.31 14.96 17.51
CA PHE A 293 28.79 14.55 18.83
C PHE A 293 27.71 14.67 19.89
N PHE A 294 26.89 15.72 19.79
CA PHE A 294 26.02 16.18 20.88
C PHE A 294 24.98 15.12 21.27
N LEU A 295 24.68 14.19 20.37
CA LEU A 295 23.76 13.10 20.66
C LEU A 295 24.46 11.83 21.13
N ASP A 296 25.80 11.78 21.12
CA ASP A 296 26.49 10.57 21.55
C ASP A 296 26.47 10.37 23.05
N ILE A 297 26.14 11.40 23.83
CA ILE A 297 25.99 11.19 25.27
C ILE A 297 24.68 10.48 25.57
N ILE A 298 23.70 10.59 24.69
CA ILE A 298 22.46 9.84 24.84
C ILE A 298 22.65 8.41 24.33
N ASN A 299 23.51 8.22 23.31
CA ASN A 299 23.82 6.88 22.83
C ASN A 299 24.70 6.09 23.79
N GLY A 300 25.27 6.74 24.80
CA GLY A 300 26.21 6.06 25.67
C GLY A 300 27.54 5.87 24.97
N ASP A 301 28.23 6.98 24.72
CA ASP A 301 29.52 7.05 24.02
C ASP A 301 29.43 6.45 22.61
N LEU A 328 21.22 8.10 33.78
CA LEU A 328 22.00 8.89 32.84
C LEU A 328 21.07 9.59 31.86
N ILE A 329 19.82 9.12 31.77
CA ILE A 329 18.87 9.65 30.80
C ILE A 329 18.49 11.10 31.14
N GLU A 330 18.51 11.47 32.42
CA GLU A 330 18.34 12.86 32.82
C GLU A 330 19.65 13.55 33.18
N LYS A 331 20.74 12.79 33.38
CA LYS A 331 21.99 13.35 33.89
C LYS A 331 22.72 14.22 32.88
N LEU A 332 22.41 14.07 31.59
CA LEU A 332 23.05 14.88 30.58
C LEU A 332 22.53 16.32 30.57
N ALA A 333 21.38 16.57 31.19
CA ALA A 333 20.74 17.87 31.15
C ALA A 333 20.71 18.58 32.49
N GLU A 334 21.06 17.90 33.59
CA GLU A 334 21.00 18.50 34.90
C GLU A 334 22.11 19.52 35.14
N ILE A 335 23.23 19.40 34.42
CA ILE A 335 24.26 20.43 34.49
C ILE A 335 23.84 21.67 33.71
N TYR A 336 22.90 21.54 32.77
CA TYR A 336 22.35 22.71 32.09
C TYR A 336 21.48 23.56 33.00
N VAL A 337 20.97 22.98 34.10
CA VAL A 337 20.28 23.77 35.11
C VAL A 337 21.28 24.63 35.88
N ASN A 338 22.47 24.09 36.13
CA ASN A 338 23.53 24.81 36.81
C ASN A 338 24.61 25.28 35.84
N SER A 339 24.20 25.62 34.62
CA SER A 339 25.11 26.17 33.63
C SER A 339 24.92 27.68 33.52
N SER A 340 25.78 28.29 32.72
CA SER A 340 25.78 29.74 32.54
C SER A 340 24.90 30.19 31.39
N PHE A 341 23.85 29.43 31.06
CA PHE A 341 22.88 29.81 30.05
C PHE A 341 21.47 29.92 30.61
N TYR A 342 21.06 28.95 31.43
CA TYR A 342 19.68 28.88 31.90
C TYR A 342 19.40 29.92 32.98
N LYS A 343 20.41 30.32 33.75
CA LYS A 343 20.19 31.27 34.84
C LYS A 343 19.95 32.68 34.34
N GLU A 344 20.34 33.00 33.11
CA GLU A 344 20.04 34.30 32.53
C GLU A 344 18.98 34.23 31.44
N THR A 345 18.72 33.04 30.89
CA THR A 345 17.58 32.89 29.98
C THR A 345 16.27 33.01 30.75
N LYS A 346 16.23 32.49 31.97
CA LYS A 346 15.09 32.69 32.87
C LYS A 346 14.95 34.16 33.25
N ALA A 347 16.07 34.91 33.28
CA ALA A 347 16.05 36.30 33.67
C ALA A 347 15.30 37.17 32.67
N GLU A 348 15.36 36.82 31.38
CA GLU A 348 14.45 37.44 30.44
C GLU A 348 13.03 36.92 30.60
N LEU A 349 12.90 35.62 30.82
CA LEU A 349 11.58 34.99 30.95
C LEU A 349 10.86 35.45 32.22
N HIS A 350 11.59 35.68 33.31
CA HIS A 350 10.99 36.23 34.51
C HIS A 350 10.70 37.72 34.38
N GLN A 351 11.32 38.40 33.41
CA GLN A 351 11.04 39.79 33.09
C GLN A 351 9.92 39.93 32.07
N LEU A 352 9.87 39.07 31.05
CA LEU A 352 8.83 39.12 30.05
C LEU A 352 7.49 38.58 30.54
N SER A 353 7.47 37.81 31.63
CA SER A 353 6.19 37.33 32.15
C SER A 353 5.50 38.39 32.99
N GLY A 354 6.21 39.45 33.37
CA GLY A 354 5.62 40.51 34.16
C GLY A 354 4.64 41.37 33.38
N TYR A 369 -14.30 32.65 6.68
CA TYR A 369 -13.18 33.09 7.50
C TYR A 369 -12.79 34.53 7.16
N THR A 370 -11.92 34.68 6.17
CA THR A 370 -11.52 36.00 5.68
C THR A 370 -11.91 36.24 4.24
N THR A 371 -12.40 35.22 3.54
CA THR A 371 -12.74 35.33 2.13
C THR A 371 -14.16 34.81 1.97
N SER A 372 -14.82 35.20 0.88
CA SER A 372 -16.24 34.89 0.71
C SER A 372 -16.43 33.42 0.37
N PHE A 373 -17.67 32.95 0.56
CA PHE A 373 -17.97 31.54 0.39
C PHE A 373 -17.99 31.16 -1.08
N CYS A 374 -18.59 31.99 -1.94
CA CYS A 374 -18.61 31.70 -3.36
C CYS A 374 -17.22 31.82 -3.97
N HIS A 375 -16.32 32.58 -3.34
CA HIS A 375 -14.94 32.62 -3.80
C HIS A 375 -14.15 31.43 -3.28
N GLN A 376 -14.47 30.94 -2.10
CA GLN A 376 -13.75 29.79 -1.57
C GLN A 376 -14.15 28.52 -2.30
N LEU A 377 -15.42 28.42 -2.73
CA LEU A 377 -15.83 27.29 -3.55
C LEU A 377 -15.25 27.37 -4.95
N ARG A 378 -15.05 28.58 -5.47
CA ARG A 378 -14.59 28.76 -6.83
C ARG A 378 -13.13 28.39 -7.00
N TRP A 379 -12.37 28.37 -5.91
CA TRP A 379 -10.95 28.11 -6.03
C TRP A 379 -10.55 26.71 -5.62
N VAL A 380 -11.24 26.10 -4.65
CA VAL A 380 -10.90 24.73 -4.30
C VAL A 380 -11.41 23.78 -5.39
N SER A 381 -12.47 24.17 -6.09
CA SER A 381 -12.93 23.37 -7.22
C SER A 381 -11.97 23.51 -8.40
N LYS A 382 -11.56 24.75 -8.70
CA LYS A 382 -10.65 25.01 -9.81
C LYS A 382 -9.31 24.32 -9.61
N ARG A 383 -8.84 24.24 -8.35
CA ARG A 383 -7.67 23.43 -8.07
C ARG A 383 -7.95 21.95 -8.27
N SER A 384 -9.11 21.48 -7.80
CA SER A 384 -9.41 20.06 -7.89
C SER A 384 -9.78 19.65 -9.31
N PHE A 385 -10.47 20.53 -10.06
CA PHE A 385 -10.80 20.21 -11.43
C PHE A 385 -9.57 20.21 -12.32
N LYS A 386 -8.60 21.09 -12.04
CA LYS A 386 -7.33 21.03 -12.75
C LYS A 386 -6.49 19.84 -12.33
N ASN A 387 -6.65 19.38 -11.08
CA ASN A 387 -5.97 18.17 -10.65
C ASN A 387 -6.58 16.93 -11.26
N LEU A 388 -7.86 16.98 -11.60
CA LEU A 388 -8.53 15.85 -12.22
C LEU A 388 -8.04 15.63 -13.64
N LEU A 389 -8.17 16.65 -14.50
CA LEU A 389 -7.76 16.53 -15.88
C LEU A 389 -6.25 16.64 -16.07
N GLY A 390 -5.55 17.23 -15.10
CA GLY A 390 -4.11 17.35 -15.22
C GLY A 390 -3.38 16.03 -15.08
N ASN A 391 -3.98 15.08 -14.37
CA ASN A 391 -3.48 13.70 -14.31
C ASN A 391 -4.60 12.81 -14.81
N PRO A 392 -4.78 12.69 -16.12
CA PRO A 392 -5.84 11.84 -16.65
C PRO A 392 -5.37 10.40 -16.88
N GLN A 393 -4.78 9.80 -15.85
CA GLN A 393 -4.29 8.44 -15.96
C GLN A 393 -5.32 7.43 -15.46
N ALA A 394 -6.04 7.77 -14.40
CA ALA A 394 -7.06 6.90 -13.86
C ALA A 394 -8.47 7.43 -14.11
N SER A 395 -8.61 8.71 -14.47
CA SER A 395 -9.92 9.24 -14.79
C SER A 395 -10.42 8.73 -16.13
N ILE A 396 -9.57 8.80 -17.16
CA ILE A 396 -9.95 8.27 -18.47
C ILE A 396 -9.78 6.76 -18.54
N ALA A 397 -9.14 6.15 -17.55
CA ALA A 397 -9.16 4.70 -17.45
C ALA A 397 -10.54 4.22 -17.02
N GLN A 398 -11.27 5.01 -16.24
CA GLN A 398 -12.64 4.68 -15.93
C GLN A 398 -13.57 4.94 -17.11
N ILE A 399 -13.20 5.85 -18.00
CA ILE A 399 -14.03 6.13 -19.16
C ILE A 399 -13.96 4.99 -20.16
N ILE A 400 -12.75 4.54 -20.49
CA ILE A 400 -12.59 3.48 -21.48
C ILE A 400 -13.07 2.14 -20.96
N VAL A 401 -13.12 1.95 -19.64
CA VAL A 401 -13.66 0.69 -19.14
C VAL A 401 -15.17 0.79 -19.03
N THR A 402 -15.73 2.00 -19.10
CA THR A 402 -17.17 2.11 -19.16
C THR A 402 -17.65 1.93 -20.60
N VAL A 403 -16.84 2.38 -21.56
CA VAL A 403 -17.21 2.25 -22.97
C VAL A 403 -17.19 0.78 -23.38
N VAL A 404 -16.09 0.08 -23.09
CA VAL A 404 -16.00 -1.29 -23.57
C VAL A 404 -16.86 -2.24 -22.75
N LEU A 405 -17.24 -1.88 -21.52
CA LEU A 405 -18.19 -2.71 -20.80
C LEU A 405 -19.58 -2.54 -21.39
N GLY A 406 -19.98 -1.30 -21.66
CA GLY A 406 -21.24 -1.04 -22.35
C GLY A 406 -21.27 -1.55 -23.76
N LEU A 407 -20.11 -1.75 -24.38
CA LEU A 407 -20.07 -2.41 -25.68
C LEU A 407 -20.18 -3.92 -25.53
N VAL A 408 -19.56 -4.48 -24.49
CA VAL A 408 -19.63 -5.92 -24.28
C VAL A 408 -21.03 -6.34 -23.87
N ILE A 409 -21.62 -5.62 -22.92
CA ILE A 409 -23.03 -5.82 -22.57
C ILE A 409 -23.92 -5.55 -23.77
N GLY A 410 -23.54 -4.57 -24.58
CA GLY A 410 -24.26 -4.33 -25.81
C GLY A 410 -24.10 -5.46 -26.82
N ALA A 411 -22.93 -6.08 -26.86
CA ALA A 411 -22.74 -7.19 -27.78
C ALA A 411 -23.40 -8.46 -27.30
N ILE A 412 -23.52 -8.63 -25.99
CA ILE A 412 -24.09 -9.85 -25.45
C ILE A 412 -25.60 -9.86 -25.63
N TYR A 413 -26.28 -8.87 -25.07
CA TYR A 413 -27.73 -8.79 -25.18
C TYR A 413 -28.13 -7.98 -26.40
N PHE A 414 -27.55 -8.25 -27.56
CA PHE A 414 -27.82 -7.42 -28.73
C PHE A 414 -29.16 -7.83 -29.30
N GLY A 415 -30.16 -6.97 -29.14
CA GLY A 415 -31.47 -7.23 -29.69
C GLY A 415 -32.18 -8.35 -28.95
N LEU A 416 -32.37 -8.16 -27.66
CA LEU A 416 -33.01 -9.17 -26.85
C LEU A 416 -34.51 -9.11 -27.07
N LYS A 417 -35.11 -10.26 -27.28
CA LYS A 417 -36.46 -10.35 -27.80
C LYS A 417 -37.44 -10.63 -26.67
N ASN A 418 -38.72 -10.73 -27.04
CA ASN A 418 -39.81 -10.89 -26.09
C ASN A 418 -40.25 -12.35 -25.97
N ASP A 419 -39.31 -13.26 -26.07
CA ASP A 419 -39.59 -14.69 -26.01
C ASP A 419 -39.73 -15.13 -24.55
N SER A 420 -39.65 -16.45 -24.34
CA SER A 420 -39.65 -17.01 -22.99
C SER A 420 -38.52 -16.46 -22.15
N THR A 421 -37.34 -16.28 -22.75
CA THR A 421 -36.19 -15.75 -22.05
C THR A 421 -36.13 -14.23 -22.21
N GLY A 422 -37.19 -13.58 -21.78
CA GLY A 422 -37.17 -12.14 -21.75
C GLY A 422 -36.97 -11.66 -20.34
N ILE A 423 -37.70 -12.26 -19.40
CA ILE A 423 -37.57 -11.88 -18.01
C ILE A 423 -36.26 -12.39 -17.44
N GLN A 424 -35.81 -13.54 -17.90
CA GLN A 424 -34.52 -14.06 -17.45
C GLN A 424 -33.37 -13.26 -18.01
N ASN A 425 -33.58 -12.58 -19.13
CA ASN A 425 -32.48 -11.96 -19.87
C ASN A 425 -32.41 -10.46 -19.68
N ARG A 426 -33.54 -9.77 -19.50
CA ARG A 426 -33.48 -8.33 -19.32
C ARG A 426 -33.59 -7.90 -17.89
N ALA A 427 -34.07 -8.74 -16.98
CA ALA A 427 -33.88 -8.44 -15.58
C ALA A 427 -32.47 -8.80 -15.13
N GLY A 428 -31.75 -9.58 -15.92
CA GLY A 428 -30.37 -9.88 -15.57
C GLY A 428 -29.46 -8.70 -15.83
N VAL A 429 -29.63 -8.06 -16.99
CA VAL A 429 -28.74 -6.95 -17.36
C VAL A 429 -28.97 -5.76 -16.45
N LEU A 430 -30.23 -5.49 -16.09
CA LEU A 430 -30.54 -4.39 -15.19
C LEU A 430 -30.05 -4.65 -13.78
N PHE A 431 -29.90 -5.92 -13.41
CA PHE A 431 -29.20 -6.21 -12.17
C PHE A 431 -27.73 -5.89 -12.30
N PHE A 432 -27.15 -6.12 -13.48
CA PHE A 432 -25.71 -5.92 -13.60
C PHE A 432 -25.36 -4.44 -13.62
N LEU A 433 -26.22 -3.60 -14.18
CA LEU A 433 -25.87 -2.18 -14.31
C LEU A 433 -25.87 -1.51 -12.95
N THR A 434 -26.87 -1.81 -12.11
CA THR A 434 -26.97 -1.13 -10.82
C THR A 434 -25.91 -1.63 -9.85
N THR A 435 -25.61 -2.92 -9.88
CA THR A 435 -24.57 -3.43 -9.01
C THR A 435 -23.18 -3.06 -9.47
N ASN A 436 -22.98 -2.83 -10.78
CA ASN A 436 -21.68 -2.35 -11.22
C ASN A 436 -21.46 -0.92 -10.76
N GLN A 437 -22.48 -0.06 -10.89
CA GLN A 437 -22.41 1.30 -10.36
C GLN A 437 -22.22 1.28 -8.85
N CYS A 438 -22.83 0.31 -8.18
CA CYS A 438 -22.58 0.15 -6.76
C CYS A 438 -21.15 -0.31 -6.48
N PHE A 439 -20.55 -1.05 -7.41
CA PHE A 439 -19.24 -1.62 -7.15
C PHE A 439 -18.11 -0.89 -7.87
N SER A 440 -18.38 -0.18 -8.95
CA SER A 440 -17.33 0.62 -9.56
C SER A 440 -17.03 1.87 -8.77
N SER A 441 -17.96 2.30 -7.92
CA SER A 441 -17.76 3.46 -7.08
C SER A 441 -17.19 3.09 -5.72
N VAL A 442 -16.48 1.97 -5.63
CA VAL A 442 -15.62 1.75 -4.49
C VAL A 442 -14.35 2.60 -4.61
N SER A 443 -14.04 3.07 -5.83
CA SER A 443 -12.89 3.93 -6.05
C SER A 443 -13.06 5.32 -5.47
N ALA A 444 -14.28 5.70 -5.07
CA ALA A 444 -14.53 6.97 -4.43
C ALA A 444 -13.98 7.04 -3.02
N VAL A 445 -13.49 5.94 -2.45
CA VAL A 445 -12.81 6.03 -1.17
C VAL A 445 -11.46 6.69 -1.33
N GLU A 446 -10.92 6.73 -2.55
CA GLU A 446 -9.64 7.37 -2.84
C GLU A 446 -9.85 8.82 -3.24
N LEU A 447 -10.63 9.54 -2.42
CA LEU A 447 -10.99 10.92 -2.65
C LEU A 447 -10.51 11.83 -1.53
N PHE A 448 -10.88 11.52 -0.29
CA PHE A 448 -10.47 12.30 0.87
C PHE A 448 -9.35 11.60 1.65
N VAL A 449 -8.73 10.59 1.08
CA VAL A 449 -7.64 9.89 1.73
C VAL A 449 -6.30 10.12 1.06
N VAL A 450 -6.27 10.68 -0.15
CA VAL A 450 -5.02 11.08 -0.74
C VAL A 450 -4.62 12.46 -0.22
N GLU A 451 -5.56 13.40 -0.25
CA GLU A 451 -5.33 14.75 0.22
C GLU A 451 -5.78 14.94 1.66
N LYS A 452 -5.67 13.91 2.50
CA LYS A 452 -6.06 14.07 3.89
C LYS A 452 -5.06 14.92 4.64
N LYS A 453 -3.77 14.62 4.50
CA LYS A 453 -2.72 15.43 5.12
C LYS A 453 -2.61 16.79 4.48
N LEU A 454 -3.06 16.93 3.24
CA LEU A 454 -3.18 18.24 2.63
C LEU A 454 -4.35 19.02 3.23
N PHE A 455 -5.49 18.35 3.45
CA PHE A 455 -6.65 19.01 4.01
C PHE A 455 -6.44 19.42 5.46
N ILE A 456 -5.79 18.56 6.25
CA ILE A 456 -5.46 18.89 7.63
C ILE A 456 -4.54 20.11 7.66
N HIS A 457 -3.61 20.19 6.71
CA HIS A 457 -2.71 21.34 6.67
C HIS A 457 -3.42 22.59 6.18
N GLU A 458 -4.27 22.47 5.17
CA GLU A 458 -4.87 23.66 4.59
C GLU A 458 -6.08 24.16 5.35
N TYR A 459 -6.77 23.30 6.11
CA TYR A 459 -7.85 23.81 6.94
C TYR A 459 -7.30 24.58 8.13
N ILE A 460 -6.29 24.01 8.80
CA ILE A 460 -5.78 24.62 10.01
C ILE A 460 -5.00 25.90 9.70
N SER A 461 -4.49 26.05 8.48
CA SER A 461 -3.81 27.27 8.12
C SER A 461 -4.79 28.38 7.77
N GLY A 462 -6.04 28.03 7.51
CA GLY A 462 -7.07 29.01 7.27
C GLY A 462 -7.40 29.27 5.83
N TYR A 463 -7.13 28.34 4.92
CA TYR A 463 -7.46 28.53 3.52
C TYR A 463 -8.97 28.56 3.31
N TYR A 464 -9.67 27.64 3.95
CA TYR A 464 -11.12 27.54 3.76
C TYR A 464 -11.76 26.86 4.95
N ARG A 465 -13.07 26.98 5.02
CA ARG A 465 -13.85 26.20 5.96
C ARG A 465 -13.92 24.75 5.49
N VAL A 466 -14.44 23.89 6.36
CA VAL A 466 -14.62 22.50 5.97
C VAL A 466 -15.76 22.39 4.98
N SER A 467 -16.76 23.27 5.10
CA SER A 467 -17.88 23.29 4.17
C SER A 467 -17.48 23.70 2.76
N SER A 468 -16.33 24.33 2.58
CA SER A 468 -15.84 24.67 1.25
C SER A 468 -15.01 23.56 0.64
N TYR A 469 -14.17 22.91 1.45
CA TYR A 469 -13.40 21.78 0.94
C TYR A 469 -14.30 20.62 0.59
N PHE A 470 -15.37 20.43 1.36
CA PHE A 470 -16.25 19.30 1.12
C PHE A 470 -17.12 19.52 -0.10
N LEU A 471 -17.75 20.69 -0.18
CA LEU A 471 -18.63 20.96 -1.30
C LEU A 471 -17.84 21.21 -2.58
N GLY A 472 -16.61 21.69 -2.46
CA GLY A 472 -15.83 22.01 -3.64
C GLY A 472 -15.39 20.77 -4.40
N LYS A 473 -15.08 19.70 -3.69
CA LYS A 473 -14.65 18.49 -4.37
C LYS A 473 -15.81 17.65 -4.88
N LEU A 474 -17.01 17.80 -4.31
CA LEU A 474 -18.16 17.10 -4.85
C LEU A 474 -18.55 17.67 -6.19
N LEU A 475 -18.42 18.99 -6.37
CA LEU A 475 -18.69 19.59 -7.66
C LEU A 475 -17.58 19.34 -8.67
N SER A 476 -16.48 18.74 -8.26
CA SER A 476 -15.34 18.54 -9.14
C SER A 476 -15.00 17.08 -9.38
N ASP A 477 -14.95 16.27 -8.33
CA ASP A 477 -14.55 14.89 -8.48
C ASP A 477 -15.71 13.93 -8.28
N LEU A 478 -16.89 14.42 -7.96
CA LEU A 478 -18.02 13.54 -7.81
C LEU A 478 -19.11 13.75 -8.84
N LEU A 479 -19.43 15.00 -9.19
CA LEU A 479 -20.42 15.20 -10.25
C LEU A 479 -19.88 14.81 -11.61
N PRO A 480 -18.82 15.47 -12.17
CA PRO A 480 -18.41 15.03 -13.51
C PRO A 480 -17.40 13.89 -13.50
N MET A 481 -17.61 12.92 -12.61
CA MET A 481 -16.91 11.64 -12.64
C MET A 481 -17.81 10.45 -12.40
N ARG A 482 -19.02 10.64 -11.88
CA ARG A 482 -20.02 9.58 -11.82
C ARG A 482 -21.17 9.83 -12.77
N MET A 483 -21.35 11.06 -13.23
CA MET A 483 -22.31 11.33 -14.28
C MET A 483 -21.87 10.72 -15.60
N LEU A 484 -20.56 10.68 -15.83
CA LEU A 484 -20.04 10.16 -17.10
C LEU A 484 -20.27 8.65 -17.24
N PRO A 485 -20.04 7.78 -16.22
CA PRO A 485 -20.43 6.38 -16.43
C PRO A 485 -21.90 6.11 -16.12
N SER A 486 -22.77 7.02 -16.54
CA SER A 486 -24.20 6.75 -16.60
C SER A 486 -24.84 7.29 -17.86
N ILE A 487 -24.27 8.29 -18.52
CA ILE A 487 -24.74 8.70 -19.83
C ILE A 487 -23.84 8.23 -20.96
N ILE A 488 -22.55 8.01 -20.71
CA ILE A 488 -21.75 7.28 -21.69
C ILE A 488 -22.20 5.83 -21.70
N PHE A 489 -22.58 5.32 -20.54
CA PHE A 489 -23.00 3.93 -20.42
C PHE A 489 -24.35 3.72 -21.07
N THR A 490 -25.36 4.51 -20.72
CA THR A 490 -26.71 4.22 -21.13
C THR A 490 -27.02 4.63 -22.57
N CYS A 491 -26.19 5.44 -23.21
CA CYS A 491 -26.43 5.69 -24.63
C CYS A 491 -25.97 4.53 -25.47
N ILE A 492 -25.02 3.75 -24.99
CA ILE A 492 -24.52 2.62 -25.76
C ILE A 492 -25.39 1.39 -25.54
N VAL A 493 -25.73 1.12 -24.29
CA VAL A 493 -26.36 -0.16 -23.97
C VAL A 493 -27.85 -0.15 -24.30
N TYR A 494 -28.49 1.02 -24.37
CA TYR A 494 -29.95 1.05 -24.49
C TYR A 494 -30.42 0.63 -25.87
N PHE A 495 -30.03 1.37 -26.90
CA PHE A 495 -30.52 1.06 -28.23
C PHE A 495 -29.85 -0.17 -28.82
N MET A 496 -28.68 -0.55 -28.32
CA MET A 496 -28.10 -1.81 -28.74
C MET A 496 -28.85 -2.99 -28.14
N LEU A 497 -29.51 -2.78 -27.01
CA LEU A 497 -30.36 -3.82 -26.44
C LEU A 497 -31.76 -3.76 -27.04
N GLY A 498 -32.37 -2.59 -27.01
CA GLY A 498 -33.74 -2.44 -27.45
C GLY A 498 -34.66 -2.58 -26.27
N LEU A 499 -34.42 -1.81 -25.22
CA LEU A 499 -35.11 -2.01 -23.96
C LEU A 499 -36.55 -1.54 -24.04
N LYS A 500 -36.74 -0.25 -24.24
CA LYS A 500 -38.08 0.32 -24.37
C LYS A 500 -37.96 1.60 -25.18
N PRO A 501 -38.45 1.63 -26.40
CA PRO A 501 -38.12 2.71 -27.33
C PRO A 501 -38.92 3.99 -27.14
N LYS A 502 -39.00 4.46 -25.90
CA LYS A 502 -39.63 5.74 -25.60
C LYS A 502 -38.58 6.84 -25.62
N ALA A 503 -38.94 8.01 -25.11
CA ALA A 503 -37.99 9.07 -24.89
C ALA A 503 -37.84 9.43 -23.42
N ASP A 504 -38.86 9.21 -22.60
CA ASP A 504 -38.72 9.39 -21.17
C ASP A 504 -38.04 8.20 -20.55
N ALA A 505 -38.30 7.00 -21.07
CA ALA A 505 -37.74 5.80 -20.49
C ALA A 505 -36.24 5.69 -20.72
N PHE A 506 -35.74 6.31 -21.79
CA PHE A 506 -34.31 6.48 -21.92
C PHE A 506 -33.78 7.47 -20.90
N PHE A 507 -34.62 8.41 -20.45
CA PHE A 507 -34.14 9.37 -19.49
C PHE A 507 -34.36 8.94 -18.05
N VAL A 508 -35.45 8.23 -17.75
CA VAL A 508 -35.62 7.74 -16.39
C VAL A 508 -34.79 6.51 -16.10
N MET A 509 -34.07 6.00 -17.11
CA MET A 509 -32.97 5.06 -16.91
C MET A 509 -31.65 5.76 -16.69
N MET A 510 -31.37 6.79 -17.50
CA MET A 510 -30.17 7.59 -17.29
C MET A 510 -30.21 8.32 -15.96
N PHE A 511 -31.40 8.72 -15.53
CA PHE A 511 -31.51 9.36 -14.23
C PHE A 511 -31.28 8.38 -13.10
N THR A 512 -31.84 7.18 -13.20
CA THR A 512 -31.69 6.27 -12.09
C THR A 512 -30.35 5.56 -12.08
N LEU A 513 -29.60 5.60 -13.18
CA LEU A 513 -28.25 5.04 -13.14
C LEU A 513 -27.28 6.02 -12.53
N MET A 514 -27.52 7.30 -12.69
CA MET A 514 -26.72 8.29 -12.00
C MET A 514 -27.23 8.56 -10.59
N MET A 515 -28.42 8.06 -10.25
CA MET A 515 -28.85 8.17 -8.87
C MET A 515 -28.22 7.12 -7.99
N VAL A 516 -28.02 5.90 -8.50
CA VAL A 516 -27.26 4.93 -7.73
C VAL A 516 -25.79 5.25 -7.73
N ALA A 517 -25.30 5.86 -8.81
CA ALA A 517 -23.89 6.18 -8.88
C ALA A 517 -23.53 7.31 -7.93
N TYR A 518 -24.43 8.26 -7.72
CA TYR A 518 -24.18 9.27 -6.71
C TYR A 518 -24.42 8.74 -5.31
N SER A 519 -25.37 7.82 -5.15
CA SER A 519 -25.68 7.31 -3.82
C SER A 519 -24.62 6.35 -3.33
N ALA A 520 -24.19 5.42 -4.17
CA ALA A 520 -23.22 4.42 -3.72
C ALA A 520 -21.84 5.03 -3.56
N SER A 521 -21.50 6.02 -4.38
CA SER A 521 -20.23 6.70 -4.19
C SER A 521 -20.24 7.53 -2.93
N SER A 522 -21.35 8.22 -2.65
CA SER A 522 -21.42 9.00 -1.42
C SER A 522 -21.54 8.10 -0.19
N MET A 523 -21.99 6.86 -0.35
CA MET A 523 -21.87 5.93 0.76
C MET A 523 -20.43 5.52 0.96
N ALA A 524 -19.72 5.26 -0.13
CA ALA A 524 -18.31 4.93 -0.02
C ALA A 524 -17.48 6.13 0.38
N LEU A 525 -17.97 7.33 0.05
CA LEU A 525 -17.34 8.54 0.56
C LEU A 525 -17.51 8.65 2.05
N ALA A 526 -18.63 8.16 2.58
CA ALA A 526 -18.99 8.43 3.97
C ALA A 526 -18.12 7.64 4.92
N ILE A 527 -17.94 6.35 4.66
CA ILE A 527 -17.29 5.49 5.64
C ILE A 527 -15.83 5.33 5.25
N ALA A 528 -15.32 6.30 4.52
CA ALA A 528 -13.90 6.36 4.26
C ALA A 528 -13.32 7.76 4.38
N ALA A 529 -14.13 8.78 4.65
CA ALA A 529 -13.61 10.12 4.83
C ALA A 529 -12.99 10.27 6.21
N GLY A 530 -12.00 11.13 6.30
CA GLY A 530 -11.31 11.33 7.57
C GLY A 530 -10.45 10.17 7.99
N GLN A 531 -10.06 9.31 7.06
CA GLN A 531 -9.22 8.18 7.37
C GLN A 531 -7.99 8.23 6.48
N SER A 532 -6.91 7.59 6.95
CA SER A 532 -5.63 7.60 6.27
C SER A 532 -5.37 6.35 5.46
N VAL A 533 -5.81 5.19 5.93
CA VAL A 533 -5.52 3.91 5.31
C VAL A 533 -6.82 3.37 4.73
N VAL A 534 -6.78 2.91 3.48
CA VAL A 534 -7.94 2.39 2.79
C VAL A 534 -7.99 0.88 2.87
N SER A 535 -7.33 0.31 3.88
CA SER A 535 -7.41 -1.12 4.11
C SER A 535 -8.81 -1.51 4.55
N VAL A 536 -9.27 -0.98 5.69
CA VAL A 536 -10.61 -1.28 6.16
C VAL A 536 -11.65 -0.46 5.43
N ALA A 537 -11.26 0.62 4.74
CA ALA A 537 -12.21 1.40 3.98
C ALA A 537 -12.70 0.67 2.74
N THR A 538 -11.89 -0.23 2.21
CA THR A 538 -12.31 -1.13 1.14
C THR A 538 -12.81 -2.45 1.69
N LEU A 539 -12.25 -2.90 2.82
CA LEU A 539 -12.73 -4.11 3.47
C LEU A 539 -14.14 -3.94 3.98
N LEU A 540 -14.50 -2.77 4.48
CA LEU A 540 -15.86 -2.55 4.93
C LEU A 540 -16.81 -2.24 3.78
N MET A 541 -16.28 -2.10 2.57
CA MET A 541 -17.14 -1.85 1.43
C MET A 541 -17.53 -3.14 0.75
N THR A 542 -16.54 -3.93 0.38
CA THR A 542 -16.74 -5.13 -0.41
C THR A 542 -17.46 -6.23 0.35
N ILE A 543 -17.50 -6.18 1.69
CA ILE A 543 -18.33 -7.11 2.43
C ILE A 543 -19.66 -6.49 2.83
N CYS A 544 -19.86 -5.21 2.55
CA CYS A 544 -21.16 -4.59 2.78
C CYS A 544 -21.98 -4.48 1.51
N PHE A 545 -21.36 -4.23 0.37
CA PHE A 545 -22.12 -4.21 -0.86
C PHE A 545 -22.53 -5.58 -1.35
N VAL A 546 -22.03 -6.66 -0.74
CA VAL A 546 -22.64 -7.96 -0.97
C VAL A 546 -23.74 -8.25 0.04
N PHE A 547 -23.82 -7.49 1.13
CA PHE A 547 -24.99 -7.46 2.00
C PHE A 547 -26.10 -6.60 1.44
N MET A 548 -25.91 -6.05 0.24
CA MET A 548 -26.91 -5.23 -0.41
C MET A 548 -27.38 -5.81 -1.73
N MET A 549 -26.50 -6.41 -2.51
CA MET A 549 -26.95 -7.00 -3.76
C MET A 549 -27.66 -8.33 -3.55
N ILE A 550 -27.56 -8.92 -2.36
CA ILE A 550 -28.47 -10.01 -2.01
C ILE A 550 -29.89 -9.48 -1.93
N PHE A 551 -30.10 -8.47 -1.09
CA PHE A 551 -31.39 -7.80 -0.97
C PHE A 551 -31.54 -6.78 -2.10
N SER A 552 -31.68 -7.30 -3.31
CA SER A 552 -31.92 -6.41 -4.43
C SER A 552 -32.91 -7.00 -5.42
N GLY A 553 -33.67 -8.01 -5.02
CA GLY A 553 -34.77 -8.44 -5.85
C GLY A 553 -34.43 -9.32 -7.02
N LEU A 554 -33.19 -9.80 -7.13
CA LEU A 554 -32.87 -10.79 -8.16
C LEU A 554 -32.56 -12.15 -7.57
N LEU A 555 -31.62 -12.21 -6.65
CA LEU A 555 -31.24 -13.49 -6.09
C LEU A 555 -32.19 -13.97 -5.00
N VAL A 556 -33.24 -13.23 -4.66
CA VAL A 556 -33.94 -13.53 -3.42
C VAL A 556 -35.46 -13.61 -3.50
N ASN A 557 -36.07 -12.90 -4.45
CA ASN A 557 -37.53 -12.65 -4.48
C ASN A 557 -38.02 -12.15 -3.13
N LEU A 558 -37.69 -10.89 -2.86
CA LEU A 558 -37.86 -10.17 -1.60
C LEU A 558 -39.16 -10.38 -0.85
N THR A 559 -40.25 -10.70 -1.53
CA THR A 559 -41.50 -10.93 -0.81
C THR A 559 -41.61 -12.33 -0.25
N THR A 560 -40.54 -13.12 -0.26
CA THR A 560 -40.60 -14.47 0.28
C THR A 560 -39.73 -14.68 1.49
N ILE A 561 -38.77 -13.80 1.78
CA ILE A 561 -38.07 -13.86 3.04
C ILE A 561 -39.01 -13.43 4.15
N ALA A 562 -39.02 -14.21 5.24
CA ALA A 562 -39.88 -13.91 6.38
C ALA A 562 -39.50 -12.57 7.00
N SER A 563 -40.52 -11.91 7.56
CA SER A 563 -40.46 -10.48 7.81
C SER A 563 -39.51 -10.08 8.92
N TRP A 564 -39.02 -11.02 9.73
CA TRP A 564 -38.15 -10.65 10.83
C TRP A 564 -36.75 -10.26 10.39
N LEU A 565 -36.40 -10.48 9.13
CA LEU A 565 -35.14 -9.99 8.59
C LEU A 565 -35.35 -9.38 7.21
N SER A 566 -36.57 -9.43 6.68
CA SER A 566 -36.86 -8.77 5.41
C SER A 566 -36.92 -7.26 5.52
N TRP A 567 -36.88 -6.71 6.73
CA TRP A 567 -36.78 -5.26 6.89
C TRP A 567 -35.44 -4.73 6.41
N LEU A 568 -34.45 -5.59 6.25
CA LEU A 568 -33.14 -5.21 5.75
C LEU A 568 -33.15 -4.81 4.28
N GLN A 569 -34.24 -5.05 3.56
CA GLN A 569 -34.29 -4.70 2.15
C GLN A 569 -34.30 -3.20 1.91
N TYR A 570 -34.61 -2.41 2.92
CA TYR A 570 -34.67 -0.96 2.75
C TYR A 570 -33.32 -0.31 2.92
N PHE A 571 -32.39 -0.98 3.59
CA PHE A 571 -31.06 -0.44 3.86
C PHE A 571 -30.08 -0.86 2.79
N SER A 572 -30.44 -0.67 1.52
CA SER A 572 -29.63 -1.24 0.44
C SER A 572 -29.82 -0.41 -0.82
N ILE A 573 -28.74 0.21 -1.27
CA ILE A 573 -28.78 1.06 -2.47
C ILE A 573 -29.24 0.33 -3.74
N PRO A 574 -28.70 -0.86 -4.09
CA PRO A 574 -29.07 -1.42 -5.40
C PRO A 574 -30.49 -1.93 -5.49
N ARG A 575 -31.24 -2.04 -4.39
CA ARG A 575 -32.64 -2.42 -4.53
C ARG A 575 -33.45 -1.30 -5.16
N TYR A 576 -33.17 -0.06 -4.76
CA TYR A 576 -33.88 1.07 -5.34
C TYR A 576 -33.49 1.30 -6.79
N GLY A 577 -32.27 0.95 -7.15
CA GLY A 577 -31.89 1.13 -8.52
C GLY A 577 -32.49 0.05 -9.40
N PHE A 578 -32.45 -1.18 -8.92
CA PHE A 578 -32.96 -2.31 -9.70
C PHE A 578 -34.47 -2.21 -9.87
N THR A 579 -35.17 -1.80 -8.81
CA THR A 579 -36.63 -1.69 -8.89
C THR A 579 -37.04 -0.54 -9.81
N ALA A 580 -36.36 0.60 -9.72
CA ALA A 580 -36.65 1.71 -10.61
C ALA A 580 -36.25 1.40 -12.03
N LEU A 581 -35.20 0.61 -12.22
CA LEU A 581 -34.87 0.16 -13.56
C LEU A 581 -35.79 -0.96 -14.04
N GLN A 582 -36.44 -1.67 -13.12
CA GLN A 582 -37.40 -2.67 -13.54
C GLN A 582 -38.77 -2.06 -13.81
N HIS A 583 -39.15 -1.04 -13.02
CA HIS A 583 -40.48 -0.48 -13.17
C HIS A 583 -40.64 0.26 -14.48
N ASN A 584 -39.59 0.90 -14.96
CA ASN A 584 -39.70 1.56 -16.25
C ASN A 584 -39.42 0.62 -17.40
N GLU A 585 -39.17 -0.65 -17.13
CA GLU A 585 -38.86 -1.61 -18.18
C GLU A 585 -39.96 -2.64 -18.37
N PHE A 586 -40.46 -3.26 -17.30
CA PHE A 586 -41.56 -4.19 -17.41
C PHE A 586 -42.86 -3.44 -17.19
N LEU A 587 -43.33 -2.78 -18.23
CA LEU A 587 -44.64 -2.16 -18.10
C LEU A 587 -45.56 -2.32 -19.30
N GLY A 588 -45.05 -2.68 -20.47
CA GLY A 588 -45.92 -2.86 -21.61
C GLY A 588 -45.64 -4.14 -22.35
N GLN A 589 -44.52 -4.78 -22.02
CA GLN A 589 -44.12 -5.98 -22.72
C GLN A 589 -44.93 -7.17 -22.23
N ASN A 590 -45.19 -8.09 -23.15
CA ASN A 590 -45.72 -9.41 -22.81
C ASN A 590 -44.79 -10.44 -23.42
N PHE A 591 -44.19 -11.27 -22.57
CA PHE A 591 -43.15 -12.21 -22.98
C PHE A 591 -43.75 -13.54 -23.40
N CYS A 592 -44.70 -13.48 -24.31
CA CYS A 592 -45.55 -14.64 -24.51
C CYS A 592 -46.21 -14.58 -25.88
N PRO A 593 -45.48 -14.81 -26.96
CA PRO A 593 -46.09 -14.72 -28.28
C PRO A 593 -46.88 -15.98 -28.62
N GLY A 594 -48.03 -15.77 -29.26
CA GLY A 594 -48.96 -16.83 -29.57
C GLY A 594 -50.18 -16.83 -28.68
N LEU A 595 -50.23 -15.92 -27.69
CA LEU A 595 -51.35 -15.82 -26.77
C LEU A 595 -51.36 -14.41 -26.21
N ASN A 596 -52.37 -14.11 -25.41
CA ASN A 596 -52.41 -12.87 -24.64
C ASN A 596 -52.81 -13.19 -23.20
N ALA A 597 -52.07 -12.64 -22.25
CA ALA A 597 -52.34 -12.88 -20.84
C ALA A 597 -52.69 -11.57 -20.16
N THR A 598 -53.59 -10.81 -20.79
CA THR A 598 -54.05 -9.55 -20.22
C THR A 598 -55.07 -9.77 -19.10
N GLY A 599 -56.20 -10.37 -19.43
CA GLY A 599 -57.24 -10.57 -18.43
C GLY A 599 -57.77 -11.99 -18.32
N ASN A 600 -57.57 -12.79 -19.36
CA ASN A 600 -58.21 -14.10 -19.50
C ASN A 600 -57.15 -15.13 -19.87
N ASN A 601 -56.77 -15.96 -18.89
CA ASN A 601 -55.78 -17.01 -19.15
C ASN A 601 -55.96 -18.16 -18.17
N PRO A 602 -56.08 -19.40 -18.66
CA PRO A 602 -55.94 -20.56 -17.77
C PRO A 602 -54.47 -20.95 -17.61
N CYS A 603 -54.20 -22.00 -16.83
CA CYS A 603 -52.87 -22.62 -16.68
C CYS A 603 -51.83 -21.62 -16.17
N ASN A 604 -52.00 -21.24 -14.90
CA ASN A 604 -51.19 -20.20 -14.28
C ASN A 604 -49.78 -20.72 -13.96
N TYR A 605 -49.06 -19.97 -13.10
CA TYR A 605 -47.60 -19.98 -13.01
C TYR A 605 -46.97 -19.71 -14.38
N ALA A 606 -47.50 -18.72 -15.08
CA ALA A 606 -47.06 -18.43 -16.44
C ALA A 606 -46.11 -17.25 -16.51
N THR A 607 -46.49 -16.10 -15.93
CA THR A 607 -45.81 -14.81 -16.04
C THR A 607 -45.54 -14.45 -17.50
N CYS A 608 -46.62 -14.30 -18.26
CA CYS A 608 -46.48 -13.99 -19.68
C CYS A 608 -46.42 -12.49 -19.92
N THR A 609 -47.27 -11.73 -19.26
CA THR A 609 -47.31 -10.29 -19.41
C THR A 609 -46.44 -9.64 -18.33
N GLY A 610 -45.90 -8.46 -18.65
CA GLY A 610 -44.80 -7.92 -17.86
C GLY A 610 -45.18 -7.42 -16.48
N GLU A 611 -46.40 -6.92 -16.32
CA GLU A 611 -46.79 -6.40 -15.02
C GLU A 611 -46.98 -7.51 -14.00
N GLU A 612 -47.32 -8.72 -14.45
CA GLU A 612 -47.41 -9.86 -13.54
C GLU A 612 -46.05 -10.27 -13.04
N TYR A 613 -44.99 -9.94 -13.78
CA TYR A 613 -43.66 -10.22 -13.28
C TYR A 613 -43.31 -9.30 -12.13
N LEU A 614 -43.79 -8.06 -12.17
CA LEU A 614 -43.46 -7.12 -11.10
C LEU A 614 -44.22 -7.42 -9.82
N VAL A 615 -45.47 -7.88 -9.92
CA VAL A 615 -46.24 -8.13 -8.70
C VAL A 615 -45.76 -9.38 -7.98
N LYS A 616 -45.03 -10.26 -8.66
CA LYS A 616 -44.39 -11.37 -7.96
C LYS A 616 -43.16 -10.89 -7.20
N GLN A 617 -42.52 -9.83 -7.68
CA GLN A 617 -41.44 -9.21 -6.93
C GLN A 617 -41.94 -8.24 -5.88
N GLY A 618 -43.24 -7.94 -5.86
CA GLY A 618 -43.75 -6.97 -4.94
C GLY A 618 -43.38 -5.55 -5.26
N ILE A 619 -43.12 -5.25 -6.53
CA ILE A 619 -42.86 -3.89 -6.95
C ILE A 619 -44.17 -3.26 -7.37
N ASP A 620 -44.51 -2.12 -6.75
CA ASP A 620 -45.81 -1.51 -6.97
C ASP A 620 -45.92 -0.97 -8.39
N LEU A 621 -47.05 -1.25 -9.03
CA LEU A 621 -47.27 -0.85 -10.41
C LEU A 621 -47.67 0.61 -10.54
N SER A 622 -47.91 1.30 -9.44
CA SER A 622 -48.31 2.70 -9.50
C SER A 622 -47.14 3.56 -9.97
N PRO A 623 -47.41 4.67 -10.65
CA PRO A 623 -46.33 5.55 -11.09
C PRO A 623 -45.53 6.16 -9.95
N TRP A 624 -46.11 6.29 -8.77
CA TRP A 624 -45.31 6.67 -7.60
C TRP A 624 -44.32 5.57 -7.24
N GLY A 625 -44.64 4.31 -7.56
CA GLY A 625 -43.77 3.20 -7.25
C GLY A 625 -42.47 3.17 -8.01
N LEU A 626 -42.35 3.96 -9.09
CA LEU A 626 -41.04 4.21 -9.67
C LEU A 626 -40.29 5.23 -8.84
N TRP A 627 -40.87 6.41 -8.69
CA TRP A 627 -40.22 7.51 -8.00
C TRP A 627 -40.21 7.36 -6.49
N LYS A 628 -40.81 6.29 -5.96
CA LYS A 628 -40.61 5.94 -4.56
C LYS A 628 -39.14 5.66 -4.28
N ASN A 629 -38.45 5.07 -5.26
CA ASN A 629 -37.05 4.72 -5.08
C ASN A 629 -36.15 5.95 -5.11
N HIS A 630 -36.42 6.88 -6.02
CA HIS A 630 -35.53 8.02 -6.20
C HIS A 630 -35.57 8.96 -5.01
N VAL A 631 -36.76 9.19 -4.46
CA VAL A 631 -36.84 9.99 -3.24
C VAL A 631 -36.34 9.21 -2.04
N ALA A 632 -36.20 7.89 -2.15
CA ALA A 632 -35.46 7.12 -1.18
C ALA A 632 -33.97 7.10 -1.48
N LEU A 633 -33.61 7.34 -2.74
CA LEU A 633 -32.20 7.41 -3.09
C LEU A 633 -31.64 8.80 -2.86
N ALA A 634 -32.46 9.82 -3.09
CA ALA A 634 -32.02 11.18 -2.80
C ALA A 634 -31.90 11.41 -1.31
N CYS A 635 -32.77 10.81 -0.50
CA CYS A 635 -32.55 10.84 0.94
C CYS A 635 -31.39 9.95 1.35
N MET A 636 -31.05 8.95 0.55
CA MET A 636 -29.89 8.13 0.84
C MET A 636 -28.60 8.89 0.57
N ILE A 637 -28.62 9.83 -0.38
CA ILE A 637 -27.45 10.64 -0.65
C ILE A 637 -27.20 11.60 0.51
N VAL A 638 -28.23 12.34 0.90
CA VAL A 638 -28.07 13.45 1.84
C VAL A 638 -27.78 12.95 3.25
N ILE A 639 -28.34 11.79 3.60
CA ILE A 639 -27.98 11.15 4.87
C ILE A 639 -26.52 10.71 4.84
N PHE A 640 -26.11 10.08 3.75
CA PHE A 640 -24.75 9.59 3.66
C PHE A 640 -23.76 10.69 3.33
N LEU A 641 -24.23 11.85 2.88
CA LEU A 641 -23.29 12.93 2.65
C LEU A 641 -22.98 13.67 3.94
N THR A 642 -23.99 13.90 4.78
CA THR A 642 -23.74 14.69 5.98
C THR A 642 -22.98 13.93 7.05
N ILE A 643 -22.95 12.61 6.98
CA ILE A 643 -22.05 11.89 7.88
C ILE A 643 -20.61 12.05 7.38
N ALA A 644 -20.42 12.21 6.08
CA ALA A 644 -19.08 12.48 5.57
C ALA A 644 -18.63 13.88 5.92
N TYR A 645 -19.56 14.84 5.88
CA TYR A 645 -19.23 16.20 6.29
C TYR A 645 -18.94 16.27 7.77
N LEU A 646 -19.63 15.44 8.57
CA LEU A 646 -19.36 15.37 10.00
C LEU A 646 -17.97 14.82 10.26
N LYS A 647 -17.58 13.77 9.53
CA LYS A 647 -16.32 13.10 9.79
C LYS A 647 -15.13 13.95 9.41
N LEU A 648 -15.30 14.90 8.51
CA LEU A 648 -14.25 15.87 8.26
C LEU A 648 -14.30 17.02 9.24
N LEU A 649 -15.49 17.41 9.68
CA LEU A 649 -15.57 18.51 10.63
C LEU A 649 -15.16 18.05 12.03
N PHE A 650 -15.60 16.87 12.44
CA PHE A 650 -15.23 16.32 13.73
C PHE A 650 -14.04 15.37 13.54
N LEU A 651 -12.97 15.92 12.96
CA LEU A 651 -11.74 15.16 12.79
C LEU A 651 -10.66 15.86 13.59
N LYS A 652 -9.86 15.09 14.32
CA LYS A 652 -8.78 15.69 15.10
C LYS A 652 -7.67 16.09 14.15
N LYS A 653 -7.48 17.40 14.02
CA LYS A 653 -6.54 17.99 13.07
C LYS A 653 -5.40 18.68 13.79
N TYR A 654 -4.89 18.02 14.82
CA TYR A 654 -3.76 18.56 15.57
C TYR A 654 -2.61 17.57 15.65
N ALA B 35 39.89 -18.77 3.10
CA ALA B 35 39.54 -18.37 1.74
C ALA B 35 39.47 -16.86 1.63
N VAL B 36 40.10 -16.31 0.59
CA VAL B 36 40.16 -14.88 0.38
C VAL B 36 39.53 -14.57 -0.97
N LEU B 37 38.89 -13.41 -1.08
CA LEU B 37 38.24 -13.00 -2.30
C LEU B 37 39.09 -11.95 -3.01
N SER B 38 38.90 -11.86 -4.32
CA SER B 38 39.64 -10.90 -5.14
C SER B 38 38.88 -10.71 -6.44
N PHE B 39 39.08 -9.55 -7.07
CA PHE B 39 38.35 -9.21 -8.29
C PHE B 39 39.14 -8.17 -9.06
N HIS B 40 39.03 -8.25 -10.38
CA HIS B 40 39.90 -7.47 -11.26
C HIS B 40 39.14 -6.97 -12.46
N ASN B 41 39.17 -5.65 -12.68
CA ASN B 41 38.70 -4.98 -13.89
C ASN B 41 37.22 -5.25 -14.16
N ILE B 42 36.42 -5.14 -13.11
CA ILE B 42 35.01 -5.53 -13.16
C ILE B 42 34.24 -4.50 -13.97
N CYS B 43 33.79 -4.90 -15.14
CA CYS B 43 32.96 -4.08 -16.00
C CYS B 43 31.56 -4.66 -16.01
N TYR B 44 30.60 -3.92 -15.45
CA TYR B 44 29.21 -4.35 -15.43
C TYR B 44 28.36 -3.34 -16.19
N ARG B 45 27.61 -3.82 -17.17
CA ARG B 45 26.64 -3.03 -17.91
C ARG B 45 25.24 -3.49 -17.55
N VAL B 46 24.26 -2.61 -17.73
CA VAL B 46 22.87 -2.97 -17.49
C VAL B 46 22.34 -3.83 -18.64
N LYS B 61 24.48 1.39 -20.58
CA LYS B 61 24.98 2.15 -19.44
C LYS B 61 25.75 1.23 -18.50
N GLU B 62 26.98 1.61 -18.18
CA GLU B 62 27.85 0.81 -17.33
C GLU B 62 27.69 1.27 -15.88
N ILE B 63 27.05 0.43 -15.06
CA ILE B 63 26.81 0.81 -13.67
C ILE B 63 28.01 0.54 -12.79
N LEU B 64 28.97 -0.26 -13.27
CA LEU B 64 30.13 -0.64 -12.47
C LEU B 64 31.28 -0.83 -13.47
N SER B 65 32.07 0.22 -13.66
CA SER B 65 32.92 0.32 -14.85
C SER B 65 34.32 -0.24 -14.66
N ASN B 66 35.10 0.34 -13.76
CA ASN B 66 36.55 0.10 -13.72
C ASN B 66 36.99 -0.24 -12.32
N ILE B 67 36.31 -1.19 -11.70
CA ILE B 67 36.47 -1.51 -10.29
C ILE B 67 37.31 -2.76 -10.16
N ASN B 68 38.40 -2.67 -9.39
CA ASN B 68 39.23 -3.82 -9.06
C ASN B 68 39.73 -3.65 -7.64
N GLY B 69 39.86 -4.77 -6.93
CA GLY B 69 40.29 -4.73 -5.54
C GLY B 69 40.51 -6.11 -5.01
N ILE B 70 41.17 -6.17 -3.86
CA ILE B 70 41.45 -7.43 -3.18
C ILE B 70 40.85 -7.37 -1.78
N MET B 71 40.32 -8.50 -1.33
CA MET B 71 39.82 -8.61 0.03
C MET B 71 40.87 -9.28 0.90
N LYS B 72 40.52 -9.43 2.17
CA LYS B 72 41.33 -10.09 3.19
C LYS B 72 40.40 -10.93 4.05
N PRO B 73 40.87 -12.06 4.61
CA PRO B 73 39.99 -12.85 5.48
C PRO B 73 39.81 -12.21 6.84
N GLY B 74 39.18 -11.04 6.85
CA GLY B 74 39.05 -10.19 8.01
C GLY B 74 37.66 -9.60 8.04
N LEU B 75 37.58 -8.27 8.04
CA LEU B 75 36.30 -7.56 8.02
C LEU B 75 36.41 -6.41 7.02
N ASN B 76 35.75 -6.55 5.88
CA ASN B 76 35.84 -5.57 4.81
C ASN B 76 34.57 -4.71 4.79
N ALA B 77 34.55 -3.71 3.91
CA ALA B 77 33.41 -2.79 3.87
C ALA B 77 33.32 -2.14 2.50
N ILE B 78 32.09 -1.82 2.09
CA ILE B 78 31.81 -1.18 0.82
C ILE B 78 31.04 0.10 1.12
N LEU B 79 31.72 1.24 1.11
CA LEU B 79 31.13 2.50 1.54
C LEU B 79 30.76 3.36 0.35
N GLY B 80 30.16 4.50 0.65
CA GLY B 80 29.83 5.47 -0.38
C GLY B 80 28.36 5.83 -0.40
N PRO B 81 27.95 6.58 -1.41
CA PRO B 81 26.53 6.87 -1.60
C PRO B 81 25.80 5.68 -2.20
N THR B 82 24.49 5.65 -2.00
CA THR B 82 23.70 4.54 -2.50
C THR B 82 23.36 4.67 -3.97
N GLY B 83 23.53 5.84 -4.55
CA GLY B 83 23.24 6.01 -5.96
C GLY B 83 24.24 5.34 -6.88
N GLY B 84 25.48 5.20 -6.45
CA GLY B 84 26.52 4.58 -7.26
C GLY B 84 26.43 3.08 -7.28
N GLY B 85 27.58 2.44 -7.39
CA GLY B 85 27.62 0.99 -7.47
C GLY B 85 27.90 0.34 -6.13
N LYS B 86 27.47 0.99 -5.04
CA LYS B 86 27.71 0.48 -3.70
C LYS B 86 26.98 -0.83 -3.46
N SER B 87 25.66 -0.84 -3.70
CA SER B 87 24.91 -2.08 -3.62
C SER B 87 25.24 -3.01 -4.78
N SER B 88 25.66 -2.45 -5.92
CA SER B 88 25.91 -3.26 -7.09
C SER B 88 27.18 -4.08 -6.97
N LEU B 89 28.22 -3.55 -6.31
CA LEU B 89 29.46 -4.29 -6.17
C LEU B 89 29.31 -5.45 -5.21
N LEU B 90 28.41 -5.34 -4.24
CA LEU B 90 28.21 -6.42 -3.29
C LEU B 90 27.52 -7.61 -3.95
N ASP B 91 26.55 -7.35 -4.81
CA ASP B 91 25.85 -8.44 -5.47
C ASP B 91 26.72 -9.13 -6.50
N VAL B 92 27.67 -8.41 -7.09
CA VAL B 92 28.64 -9.00 -8.01
C VAL B 92 29.53 -9.99 -7.29
N LEU B 93 30.05 -9.61 -6.12
CA LEU B 93 30.89 -10.51 -5.35
C LEU B 93 30.09 -11.66 -4.78
N ALA B 94 28.80 -11.46 -4.55
CA ALA B 94 27.94 -12.52 -4.05
C ALA B 94 27.37 -13.39 -5.15
N ALA B 95 27.71 -13.10 -6.41
CA ALA B 95 27.11 -13.69 -7.61
C ALA B 95 25.60 -13.53 -7.61
N ARG B 96 25.12 -12.40 -7.11
CA ARG B 96 23.70 -12.15 -6.99
C ARG B 96 23.15 -11.39 -8.20
N LYS B 97 23.97 -10.63 -8.90
CA LYS B 97 23.55 -10.09 -10.19
C LYS B 97 23.51 -11.19 -11.23
N ASP B 98 22.89 -10.91 -12.35
CA ASP B 98 23.03 -11.88 -13.42
C ASP B 98 24.41 -11.71 -14.08
N PRO B 99 25.04 -12.80 -14.49
CA PRO B 99 26.41 -12.70 -15.02
C PRO B 99 26.47 -12.28 -16.48
N SER B 100 25.39 -11.73 -17.02
CA SER B 100 25.36 -11.35 -18.42
C SER B 100 26.22 -10.12 -18.68
N GLY B 101 25.91 -9.00 -18.02
CA GLY B 101 26.64 -7.77 -18.23
C GLY B 101 27.99 -7.70 -17.56
N LEU B 102 28.36 -8.71 -16.79
CA LEU B 102 29.66 -8.72 -16.14
C LEU B 102 30.75 -9.07 -17.14
N SER B 103 31.90 -8.43 -17.01
CA SER B 103 33.04 -8.72 -17.86
C SER B 103 34.24 -9.24 -17.09
N GLY B 104 34.55 -8.65 -15.94
CA GLY B 104 35.73 -9.04 -15.18
C GLY B 104 35.60 -10.39 -14.50
N ASP B 105 36.61 -10.71 -13.69
CA ASP B 105 36.70 -11.98 -13.00
C ASP B 105 36.79 -11.78 -11.49
N VAL B 106 35.86 -12.39 -10.75
CA VAL B 106 35.94 -12.44 -9.30
C VAL B 106 36.68 -13.71 -8.94
N LEU B 107 37.93 -13.56 -8.54
CA LEU B 107 38.82 -14.69 -8.29
C LEU B 107 38.86 -14.93 -6.80
N ILE B 108 38.34 -16.08 -6.36
CA ILE B 108 38.35 -16.42 -4.94
C ILE B 108 39.60 -17.25 -4.65
N ASN B 109 40.51 -16.68 -3.85
CA ASN B 109 41.86 -17.19 -3.50
C ASN B 109 42.60 -17.83 -4.68
N GLY B 110 42.51 -17.18 -5.83
CA GLY B 110 43.14 -17.67 -7.03
C GLY B 110 42.27 -18.57 -7.88
N ALA B 111 41.37 -19.30 -7.26
CA ALA B 111 40.44 -20.10 -8.05
C ALA B 111 39.32 -19.23 -8.60
N PRO B 112 38.81 -19.52 -9.79
CA PRO B 112 37.62 -18.84 -10.26
C PRO B 112 36.40 -19.28 -9.47
N ARG B 113 35.36 -18.48 -9.52
CA ARG B 113 34.16 -18.76 -8.74
C ARG B 113 33.38 -19.90 -9.37
N PRO B 114 33.11 -20.97 -8.65
CA PRO B 114 32.32 -22.07 -9.19
C PRO B 114 30.84 -21.73 -9.14
N ALA B 115 30.02 -22.65 -9.68
CA ALA B 115 28.58 -22.43 -9.67
C ALA B 115 27.94 -22.71 -8.32
N ASN B 116 28.60 -23.49 -7.46
CA ASN B 116 28.12 -23.72 -6.10
C ASN B 116 28.78 -22.78 -5.10
N PHE B 117 29.25 -21.62 -5.56
CA PHE B 117 29.75 -20.60 -4.65
C PHE B 117 28.61 -19.97 -3.85
N LYS B 118 27.42 -19.89 -4.45
CA LYS B 118 26.30 -19.26 -3.79
C LYS B 118 25.76 -20.10 -2.65
N CYS B 119 25.86 -21.43 -2.75
CA CYS B 119 25.44 -22.28 -1.64
C CYS B 119 26.51 -22.37 -0.55
N ASN B 120 27.72 -21.87 -0.81
CA ASN B 120 28.78 -21.90 0.20
C ASN B 120 28.89 -20.60 0.99
N SER B 121 28.27 -19.52 0.53
CA SER B 121 28.47 -18.20 1.10
C SER B 121 27.13 -17.55 1.36
N GLY B 122 26.88 -17.14 2.59
CA GLY B 122 25.62 -16.51 2.91
C GLY B 122 25.54 -15.09 2.39
N TYR B 123 24.34 -14.54 2.44
CA TYR B 123 24.09 -13.17 1.99
C TYR B 123 22.91 -12.64 2.79
N VAL B 124 23.19 -11.87 3.83
CA VAL B 124 22.15 -11.21 4.61
C VAL B 124 21.62 -10.04 3.79
N VAL B 125 20.37 -10.15 3.35
CA VAL B 125 19.77 -9.11 2.51
C VAL B 125 19.35 -7.96 3.42
N GLN B 126 18.98 -6.82 2.84
CA GLN B 126 18.80 -5.59 3.62
C GLN B 126 17.61 -5.67 4.58
N ASP B 127 16.42 -5.90 4.05
CA ASP B 127 15.25 -6.02 4.90
C ASP B 127 15.26 -7.36 5.60
N ASP B 128 14.62 -7.41 6.75
CA ASP B 128 14.55 -8.66 7.51
C ASP B 128 13.57 -9.59 6.81
N VAL B 129 14.11 -10.65 6.22
CA VAL B 129 13.30 -11.62 5.52
C VAL B 129 13.14 -12.91 6.33
N VAL B 130 13.45 -12.87 7.62
CA VAL B 130 13.20 -14.01 8.48
C VAL B 130 11.70 -14.17 8.68
N MET B 131 11.29 -15.39 8.96
CA MET B 131 9.87 -15.68 9.18
C MET B 131 9.45 -15.11 10.52
N GLY B 132 8.65 -14.04 10.47
CA GLY B 132 8.34 -13.31 11.69
C GLY B 132 7.37 -14.05 12.60
N THR B 133 6.48 -14.83 12.01
CA THR B 133 5.53 -15.63 12.81
C THR B 133 6.06 -17.01 13.09
N LEU B 134 7.32 -17.09 13.52
CA LEU B 134 7.90 -18.32 14.03
C LEU B 134 8.85 -17.97 15.16
N THR B 135 9.27 -19.01 15.87
CA THR B 135 10.23 -18.87 16.95
C THR B 135 11.64 -19.05 16.38
N VAL B 136 12.57 -18.23 16.90
CA VAL B 136 13.96 -18.20 16.45
C VAL B 136 14.65 -19.56 16.58
N ARG B 137 14.23 -20.39 17.54
CA ARG B 137 14.72 -21.76 17.59
C ARG B 137 14.28 -22.55 16.36
N GLU B 138 13.01 -22.42 15.99
CA GLU B 138 12.55 -23.05 14.75
C GLU B 138 13.07 -22.33 13.52
N ASN B 139 13.36 -21.04 13.65
CA ASN B 139 13.81 -20.27 12.48
C ASN B 139 15.21 -20.67 12.06
N LEU B 140 16.06 -21.03 13.02
CA LEU B 140 17.35 -21.62 12.68
C LEU B 140 17.20 -23.08 12.29
N GLN B 141 16.14 -23.73 12.74
CA GLN B 141 15.92 -25.14 12.39
C GLN B 141 15.49 -25.30 10.94
N PHE B 142 14.89 -24.26 10.36
CA PHE B 142 14.37 -24.36 9.01
C PHE B 142 15.52 -24.44 8.00
N SER B 143 16.53 -23.59 8.15
CA SER B 143 17.67 -23.64 7.27
C SER B 143 18.54 -24.86 7.54
N ALA B 144 18.58 -25.31 8.79
CA ALA B 144 19.43 -26.43 9.17
C ALA B 144 18.96 -27.75 8.56
N ALA B 145 17.67 -27.89 8.33
CA ALA B 145 17.15 -29.11 7.75
C ALA B 145 17.24 -29.14 6.24
N LEU B 146 17.43 -27.99 5.60
CA LEU B 146 17.39 -27.90 4.16
C LEU B 146 18.76 -27.92 3.50
N ARG B 147 19.84 -27.88 4.28
CA ARG B 147 21.18 -27.86 3.71
C ARG B 147 22.15 -28.81 4.41
N LEU B 148 21.67 -29.70 5.28
CA LEU B 148 22.59 -30.57 6.00
C LEU B 148 22.17 -32.04 6.10
N ALA B 149 20.90 -32.39 5.97
CA ALA B 149 20.42 -33.71 6.38
C ALA B 149 20.62 -34.81 5.34
N THR B 150 21.56 -34.64 4.41
CA THR B 150 21.77 -35.64 3.38
C THR B 150 22.43 -36.91 3.94
N THR B 151 23.43 -36.74 4.80
CA THR B 151 24.15 -37.92 5.29
C THR B 151 24.25 -37.93 6.81
N MET B 152 24.27 -36.77 7.45
CA MET B 152 24.26 -36.76 8.90
C MET B 152 22.84 -37.00 9.39
N THR B 153 22.74 -37.44 10.64
CA THR B 153 21.45 -37.75 11.23
C THR B 153 20.79 -36.47 11.75
N ASN B 154 19.68 -36.64 12.46
CA ASN B 154 18.95 -35.49 12.99
C ASN B 154 19.70 -34.87 14.16
N HIS B 155 19.91 -35.64 15.22
CA HIS B 155 20.54 -35.13 16.43
C HIS B 155 22.02 -34.81 16.27
N GLU B 156 22.64 -35.27 15.18
CA GLU B 156 23.99 -34.82 14.86
C GLU B 156 23.99 -33.33 14.51
N LYS B 157 23.10 -32.93 13.59
CA LYS B 157 23.03 -31.53 13.19
C LYS B 157 22.40 -30.63 14.24
N ASN B 158 21.81 -31.20 15.29
CA ASN B 158 21.29 -30.42 16.40
C ASN B 158 22.36 -29.69 17.18
N GLU B 159 23.63 -30.09 17.03
CA GLU B 159 24.72 -29.43 17.75
C GLU B 159 24.94 -28.03 17.23
N ARG B 160 25.07 -27.87 15.92
CA ARG B 160 25.40 -26.57 15.34
C ARG B 160 24.23 -25.60 15.34
N ILE B 161 23.02 -26.05 15.66
CA ILE B 161 21.94 -25.10 15.89
C ILE B 161 22.14 -24.43 17.24
N ASN B 162 22.64 -25.19 18.21
CA ASN B 162 22.99 -24.63 19.51
C ASN B 162 24.38 -24.05 19.54
N ARG B 163 25.28 -24.50 18.67
CA ARG B 163 26.64 -23.98 18.68
C ARG B 163 26.66 -22.53 18.21
N VAL B 164 25.72 -22.16 17.33
CA VAL B 164 25.62 -20.79 16.85
C VAL B 164 24.66 -19.94 17.67
N ILE B 165 24.06 -20.51 18.71
CA ILE B 165 23.04 -19.76 19.42
C ILE B 165 23.61 -18.82 20.48
N GLN B 166 24.86 -19.03 20.91
CA GLN B 166 25.45 -18.12 21.87
C GLN B 166 26.52 -17.21 21.28
N GLU B 167 27.09 -17.56 20.12
CA GLU B 167 28.03 -16.64 19.49
C GLU B 167 27.31 -15.44 18.94
N LEU B 168 26.06 -15.61 18.52
CA LEU B 168 25.19 -14.49 18.23
C LEU B 168 24.66 -13.84 19.50
N GLY B 169 24.55 -14.60 20.58
CA GLY B 169 23.90 -14.11 21.77
C GLY B 169 22.40 -14.23 21.73
N LEU B 170 21.88 -15.24 21.02
CA LEU B 170 20.45 -15.38 20.81
C LEU B 170 19.79 -16.30 21.82
N ASP B 171 20.50 -16.68 22.89
CA ASP B 171 19.98 -17.64 23.86
C ASP B 171 18.87 -17.06 24.71
N LYS B 172 18.85 -15.75 24.90
CA LYS B 172 17.80 -15.10 25.68
C LYS B 172 16.50 -14.94 24.90
N VAL B 173 16.55 -15.04 23.57
CA VAL B 173 15.37 -14.89 22.75
C VAL B 173 15.25 -16.09 21.81
N ALA B 174 15.79 -17.23 22.25
CA ALA B 174 15.78 -18.43 21.41
C ALA B 174 14.39 -19.01 21.29
N ASP B 175 13.60 -18.96 22.36
CA ASP B 175 12.27 -19.58 22.37
C ASP B 175 11.16 -18.55 22.35
N SER B 176 11.33 -17.50 21.58
CA SER B 176 10.33 -16.45 21.43
C SER B 176 10.08 -16.21 19.94
N LYS B 177 8.87 -15.74 19.65
CA LYS B 177 8.52 -15.40 18.27
C LYS B 177 9.23 -14.12 17.86
N VAL B 178 9.50 -13.99 16.55
CA VAL B 178 10.44 -13.00 16.06
C VAL B 178 9.85 -11.59 16.15
N GLY B 179 8.77 -11.35 15.43
CA GLY B 179 8.16 -10.04 15.47
C GLY B 179 7.97 -9.42 14.11
N THR B 180 6.75 -8.92 13.86
CA THR B 180 6.35 -8.42 12.56
C THR B 180 5.72 -7.04 12.73
N GLN B 181 5.02 -6.56 11.71
CA GLN B 181 4.18 -5.40 11.85
C GLN B 181 2.77 -5.75 12.30
N PHE B 182 2.44 -7.05 12.34
CA PHE B 182 1.15 -7.51 12.84
C PHE B 182 1.22 -8.05 14.27
N ILE B 183 2.42 -8.30 14.79
CA ILE B 183 2.57 -8.89 16.11
C ILE B 183 3.89 -8.39 16.69
N ARG B 184 4.04 -8.53 18.01
CA ARG B 184 5.26 -8.12 18.69
C ARG B 184 6.06 -9.36 19.11
N GLY B 185 7.38 -9.19 19.20
CA GLY B 185 8.29 -10.27 19.48
C GLY B 185 9.66 -9.78 19.90
N VAL B 186 10.71 -10.37 19.34
CA VAL B 186 12.08 -9.96 19.63
C VAL B 186 12.33 -8.55 19.09
N SER B 187 13.17 -7.79 19.78
CA SER B 187 13.54 -6.44 19.40
C SER B 187 14.29 -6.44 18.06
N GLY B 188 14.29 -5.27 17.41
CA GLY B 188 14.79 -5.13 16.06
C GLY B 188 16.28 -5.32 15.91
N GLY B 189 17.04 -5.15 16.99
CA GLY B 189 18.47 -5.41 16.92
C GLY B 189 18.80 -6.88 16.80
N GLU B 190 17.91 -7.74 17.27
CA GLU B 190 18.11 -9.18 17.18
C GLU B 190 17.25 -9.83 16.11
N ARG B 191 16.39 -9.06 15.43
CA ARG B 191 15.87 -9.50 14.15
C ARG B 191 16.97 -9.58 13.11
N LYS B 192 17.94 -8.68 13.18
CA LYS B 192 19.05 -8.71 12.25
C LYS B 192 20.03 -9.82 12.60
N ARG B 193 20.13 -10.19 13.89
CA ARG B 193 21.08 -11.20 14.29
C ARG B 193 20.65 -12.59 13.85
N THR B 194 19.35 -12.88 13.92
CA THR B 194 18.89 -14.19 13.46
C THR B 194 18.92 -14.31 11.95
N SER B 195 18.96 -13.18 11.23
CA SER B 195 19.24 -13.24 9.81
C SER B 195 20.68 -13.69 9.56
N ILE B 196 21.60 -13.28 10.44
CA ILE B 196 23.01 -13.57 10.23
C ILE B 196 23.30 -15.04 10.51
N GLY B 197 22.77 -15.55 11.62
CA GLY B 197 22.99 -16.95 11.96
C GLY B 197 22.27 -17.92 11.06
N MET B 198 21.25 -17.45 10.33
CA MET B 198 20.47 -18.33 9.47
C MET B 198 21.29 -18.84 8.29
N GLU B 199 22.26 -18.05 7.83
CA GLU B 199 23.20 -18.50 6.81
C GLU B 199 24.52 -18.94 7.41
N LEU B 200 24.69 -18.86 8.72
CA LEU B 200 25.87 -19.35 9.40
C LEU B 200 25.83 -20.85 9.64
N ILE B 201 24.71 -21.50 9.31
CA ILE B 201 24.56 -22.92 9.64
C ILE B 201 25.43 -23.77 8.74
N THR B 202 25.24 -23.67 7.42
CA THR B 202 26.24 -24.18 6.51
C THR B 202 27.52 -23.39 6.73
N ASP B 203 28.64 -24.11 6.72
CA ASP B 203 29.92 -23.56 7.16
C ASP B 203 30.45 -22.56 6.14
N PRO B 204 30.47 -21.26 6.45
CA PRO B 204 30.83 -20.28 5.43
C PRO B 204 32.30 -19.89 5.45
N SER B 205 32.87 -19.78 4.25
CA SER B 205 34.15 -19.11 4.11
C SER B 205 33.97 -17.61 3.91
N ILE B 206 32.92 -17.24 3.18
CA ILE B 206 32.61 -15.87 2.81
C ILE B 206 31.24 -15.54 3.36
N LEU B 207 31.05 -14.31 3.82
CA LEU B 207 29.75 -13.90 4.34
C LEU B 207 29.52 -12.43 4.01
N PHE B 208 28.53 -12.17 3.17
CA PHE B 208 28.15 -10.83 2.78
C PHE B 208 27.02 -10.32 3.66
N LEU B 209 26.87 -9.00 3.71
CA LEU B 209 25.74 -8.39 4.41
C LEU B 209 25.33 -7.14 3.65
N ASP B 210 24.15 -7.16 3.05
CA ASP B 210 23.60 -5.98 2.40
C ASP B 210 23.07 -5.06 3.48
N GLU B 211 23.79 -3.96 3.74
CA GLU B 211 23.50 -2.84 4.63
C GLU B 211 22.97 -3.26 5.99
N PRO B 212 23.76 -3.94 6.82
CA PRO B 212 23.19 -4.59 8.01
C PRO B 212 22.81 -3.66 9.14
N THR B 213 22.90 -2.35 8.97
CA THR B 213 22.47 -1.40 9.99
C THR B 213 21.65 -0.29 9.34
N THR B 214 20.67 -0.67 8.54
CA THR B 214 19.69 0.29 8.04
C THR B 214 18.43 0.16 8.88
N GLY B 215 18.17 1.18 9.70
CA GLY B 215 17.05 1.12 10.62
C GLY B 215 17.30 0.14 11.75
N LEU B 216 18.25 0.45 12.63
CA LEU B 216 18.60 -0.46 13.70
C LEU B 216 18.86 0.26 15.02
N ASP B 217 18.59 1.57 15.10
CA ASP B 217 18.69 2.36 16.33
C ASP B 217 20.10 2.34 16.92
N SER B 218 21.01 3.10 16.32
CA SER B 218 22.46 3.06 16.41
C SER B 218 23.09 2.84 17.78
N SER B 219 22.34 3.09 18.86
CA SER B 219 22.75 2.62 20.19
C SER B 219 22.91 1.10 20.22
N THR B 220 22.13 0.37 19.43
CA THR B 220 22.27 -1.08 19.32
C THR B 220 23.21 -1.52 18.21
N ALA B 221 23.79 -0.58 17.46
CA ALA B 221 24.54 -0.92 16.26
C ALA B 221 25.90 -1.52 16.55
N ASN B 222 26.52 -1.16 17.67
CA ASN B 222 27.90 -1.54 17.92
C ASN B 222 28.03 -3.02 18.23
N ALA B 223 27.07 -3.58 18.98
CA ALA B 223 27.18 -4.95 19.46
C ALA B 223 27.10 -5.97 18.34
N VAL B 224 26.25 -5.73 17.35
CA VAL B 224 26.23 -6.61 16.19
C VAL B 224 27.46 -6.38 15.32
N LEU B 225 27.94 -5.14 15.23
CA LEU B 225 29.08 -4.86 14.38
C LEU B 225 30.40 -5.19 15.07
N LEU B 226 30.42 -5.22 16.41
CA LEU B 226 31.55 -5.84 17.08
C LEU B 226 31.51 -7.35 16.92
N LEU B 227 30.30 -7.92 16.81
CA LEU B 227 30.14 -9.36 16.69
C LEU B 227 30.65 -9.88 15.35
N LEU B 228 30.60 -9.05 14.31
CA LEU B 228 31.16 -9.46 13.03
C LEU B 228 32.67 -9.51 13.09
N LYS B 229 33.29 -8.70 13.93
CA LYS B 229 34.73 -8.82 14.16
C LYS B 229 35.06 -10.09 14.92
N ARG B 230 34.19 -10.47 15.87
CA ARG B 230 34.44 -11.68 16.64
C ARG B 230 34.30 -12.92 15.78
N MET B 231 33.44 -12.88 14.77
CA MET B 231 33.38 -14.01 13.84
C MET B 231 34.59 -14.04 12.92
N SER B 232 35.20 -12.88 12.68
CA SER B 232 36.31 -12.78 11.74
C SER B 232 37.62 -13.34 12.28
N LYS B 233 37.70 -13.65 13.56
CA LYS B 233 38.93 -14.23 14.11
C LYS B 233 39.11 -15.68 13.70
N GLN B 234 38.03 -16.39 13.38
CA GLN B 234 38.09 -17.80 13.01
C GLN B 234 38.47 -17.99 11.55
N GLY B 235 38.32 -16.97 10.73
CA GLY B 235 38.59 -17.07 9.31
C GLY B 235 37.44 -16.70 8.40
N ARG B 236 36.35 -16.17 8.95
CA ARG B 236 35.17 -15.83 8.16
C ARG B 236 35.40 -14.48 7.48
N THR B 237 35.51 -14.49 6.16
CA THR B 237 35.65 -13.25 5.41
C THR B 237 34.31 -12.52 5.39
N ILE B 238 34.31 -11.27 5.83
CA ILE B 238 33.08 -10.49 5.95
C ILE B 238 33.20 -9.29 5.04
N ILE B 239 32.31 -9.23 4.04
CA ILE B 239 32.28 -8.15 3.08
C ILE B 239 30.89 -7.54 3.15
N PHE B 240 30.70 -6.52 3.95
CA PHE B 240 29.40 -5.88 3.97
C PHE B 240 29.47 -4.56 3.24
N SER B 241 28.31 -3.91 3.14
CA SER B 241 28.20 -2.58 2.56
C SER B 241 27.43 -1.73 3.54
N ILE B 242 28.11 -1.21 4.55
CA ILE B 242 27.42 -0.47 5.61
C ILE B 242 27.01 0.91 5.09
N HIS B 243 25.97 1.47 5.69
CA HIS B 243 25.38 2.72 5.21
C HIS B 243 25.61 3.81 6.25
N GLN B 244 26.43 4.80 5.89
CA GLN B 244 26.85 5.96 6.68
C GLN B 244 27.38 5.59 8.05
N PRO B 245 28.56 4.98 8.14
CA PRO B 245 29.12 4.69 9.47
C PRO B 245 29.66 5.96 10.10
N ARG B 246 29.39 6.14 11.39
CA ARG B 246 29.74 7.43 11.98
C ARG B 246 31.21 7.48 12.38
N TYR B 247 31.58 6.77 13.45
CA TYR B 247 32.98 6.52 13.75
C TYR B 247 33.26 5.17 14.37
N SER B 248 32.28 4.53 15.00
CA SER B 248 32.56 3.47 15.98
C SER B 248 33.02 2.19 15.31
N ILE B 249 32.39 1.81 14.20
CA ILE B 249 32.87 0.67 13.43
C ILE B 249 34.04 1.09 12.56
N PHE B 250 34.20 2.40 12.30
CA PHE B 250 35.21 2.87 11.36
C PHE B 250 36.62 2.64 11.87
N LYS B 251 36.80 2.57 13.18
CA LYS B 251 38.10 2.18 13.70
C LYS B 251 38.34 0.69 13.51
N LEU B 252 37.26 -0.09 13.49
CA LEU B 252 37.35 -1.54 13.33
C LEU B 252 36.99 -1.95 11.90
N PHE B 253 37.87 -1.58 10.96
CA PHE B 253 37.76 -2.02 9.58
C PHE B 253 39.08 -2.63 9.16
N ASP B 254 39.04 -3.88 8.75
CA ASP B 254 40.26 -4.53 8.26
C ASP B 254 40.58 -4.13 6.83
N SER B 255 39.58 -3.69 6.08
CA SER B 255 39.73 -3.10 4.76
C SER B 255 38.45 -2.35 4.45
N LEU B 256 38.53 -1.45 3.47
CA LEU B 256 37.32 -0.80 3.00
C LEU B 256 37.48 -0.50 1.53
N THR B 257 36.34 -0.39 0.85
CA THR B 257 36.31 -0.05 -0.57
C THR B 257 35.20 0.97 -0.76
N LEU B 258 35.58 2.24 -0.81
CA LEU B 258 34.62 3.29 -1.10
C LEU B 258 34.36 3.32 -2.60
N LEU B 259 33.10 3.53 -2.96
CA LEU B 259 32.70 3.52 -4.36
C LEU B 259 31.60 4.54 -4.57
N ALA B 260 31.75 5.35 -5.61
CA ALA B 260 30.80 6.42 -5.88
C ALA B 260 30.65 6.61 -7.38
N SER B 261 29.39 6.64 -7.83
CA SER B 261 29.02 6.96 -9.21
C SER B 261 29.63 6.00 -10.22
N GLY B 262 29.79 4.75 -9.82
CA GLY B 262 30.35 3.75 -10.71
C GLY B 262 31.83 3.90 -10.98
N ARG B 263 32.52 4.76 -10.25
CA ARG B 263 33.96 4.96 -10.41
C ARG B 263 34.62 4.66 -9.07
N LEU B 264 35.64 3.81 -9.10
CA LEU B 264 36.31 3.39 -7.88
C LEU B 264 37.13 4.53 -7.30
N MET B 265 36.68 5.06 -6.16
CA MET B 265 37.38 6.17 -5.53
C MET B 265 38.60 5.69 -4.75
N PHE B 266 38.38 4.84 -3.75
CA PHE B 266 39.47 4.44 -2.88
C PHE B 266 39.22 3.03 -2.36
N HIS B 267 40.28 2.23 -2.31
CA HIS B 267 40.24 0.91 -1.72
C HIS B 267 41.52 0.71 -0.93
N GLY B 268 41.38 0.45 0.36
CA GLY B 268 42.49 0.25 1.24
C GLY B 268 41.98 0.19 2.66
N PRO B 269 42.82 -0.22 3.60
CA PRO B 269 42.38 -0.31 4.99
C PRO B 269 42.12 1.05 5.60
N ALA B 270 41.32 1.05 6.67
CA ALA B 270 40.85 2.30 7.25
C ALA B 270 41.94 3.08 7.97
N GLN B 271 42.99 2.41 8.42
CA GLN B 271 44.06 3.11 9.13
C GLN B 271 44.90 3.94 8.18
N GLU B 272 45.08 3.46 6.96
CA GLU B 272 45.73 4.24 5.90
C GLU B 272 44.72 4.93 5.00
N ALA B 273 43.46 5.01 5.42
CA ALA B 273 42.48 5.79 4.70
C ALA B 273 42.58 7.26 5.05
N LEU B 274 42.95 7.57 6.30
CA LEU B 274 43.13 8.95 6.73
C LEU B 274 44.29 9.60 6.02
N GLY B 275 45.41 8.89 5.89
CA GLY B 275 46.60 9.37 5.23
C GLY B 275 46.53 9.40 3.72
N TYR B 276 45.35 9.20 3.12
CA TYR B 276 45.21 9.32 1.68
C TYR B 276 45.00 10.77 1.26
N PHE B 277 43.92 11.38 1.75
CA PHE B 277 43.45 12.64 1.20
C PHE B 277 44.28 13.83 1.64
N GLU B 278 44.98 13.72 2.77
CA GLU B 278 45.79 14.83 3.27
C GLU B 278 47.04 15.05 2.43
N SER B 279 47.41 14.08 1.58
CA SER B 279 48.44 14.27 0.57
C SER B 279 47.88 14.07 -0.85
N ALA B 280 46.57 14.19 -1.01
CA ALA B 280 45.94 14.05 -2.31
C ALA B 280 45.25 15.31 -2.80
N GLY B 281 45.17 16.36 -1.99
CA GLY B 281 44.56 17.61 -2.40
C GLY B 281 43.23 17.91 -1.74
N TYR B 282 42.75 17.08 -0.82
CA TYR B 282 41.47 17.27 -0.16
C TYR B 282 41.69 17.26 1.34
N HIS B 283 41.55 18.43 1.97
CA HIS B 283 41.86 18.57 3.39
C HIS B 283 40.62 18.28 4.21
N CYS B 284 40.75 17.36 5.16
CA CYS B 284 39.75 17.10 6.19
C CYS B 284 40.40 17.41 7.53
N GLU B 285 40.19 18.61 8.03
CA GLU B 285 40.81 19.04 9.27
C GLU B 285 39.94 18.63 10.46
N ALA B 286 40.21 19.21 11.62
CA ALA B 286 39.48 18.89 12.84
C ALA B 286 38.01 19.31 12.74
N TYR B 287 37.20 18.70 13.62
CA TYR B 287 35.73 18.86 13.68
C TYR B 287 35.07 18.47 12.35
N ASN B 288 35.64 17.46 11.69
CA ASN B 288 35.07 16.90 10.48
C ASN B 288 35.21 15.38 10.57
N ASN B 289 34.10 14.67 10.40
CA ASN B 289 34.14 13.21 10.50
C ASN B 289 34.84 12.62 9.28
N PRO B 290 35.77 11.68 9.47
CA PRO B 290 36.49 11.13 8.31
C PRO B 290 35.63 10.23 7.44
N ALA B 291 34.73 9.46 8.03
CA ALA B 291 33.84 8.62 7.23
C ALA B 291 32.74 9.42 6.54
N ASP B 292 32.51 10.65 6.98
CA ASP B 292 31.58 11.53 6.31
C ASP B 292 32.26 12.46 5.32
N PHE B 293 33.57 12.67 5.45
CA PHE B 293 34.26 13.61 4.57
C PHE B 293 34.40 13.06 3.17
N PHE B 294 34.64 11.75 3.07
CA PHE B 294 35.12 11.12 1.84
C PHE B 294 34.13 11.24 0.68
N LEU B 295 32.86 11.48 0.98
CA LEU B 295 31.84 11.70 -0.01
C LEU B 295 31.59 13.18 -0.32
N ASP B 296 32.22 14.09 0.41
CA ASP B 296 31.99 15.52 0.15
C ASP B 296 32.69 16.02 -1.11
N ILE B 297 33.64 15.27 -1.65
CA ILE B 297 34.24 15.66 -2.92
C ILE B 297 33.29 15.37 -4.07
N ILE B 298 32.39 14.40 -3.89
CA ILE B 298 31.35 14.14 -4.87
C ILE B 298 30.21 15.15 -4.72
N ASN B 299 29.95 15.61 -3.50
CA ASN B 299 28.92 16.64 -3.28
C ASN B 299 29.37 18.01 -3.74
N GLY B 300 30.65 18.19 -4.08
CA GLY B 300 31.15 19.50 -4.41
C GLY B 300 31.28 20.36 -3.17
N ASP B 301 32.23 19.98 -2.31
CA ASP B 301 32.53 20.62 -1.01
C ASP B 301 31.30 20.64 -0.11
N LEU B 328 34.56 16.73 -13.10
CA LEU B 328 34.96 16.46 -11.73
C LEU B 328 34.42 15.11 -11.29
N ILE B 329 33.43 14.58 -12.03
CA ILE B 329 32.78 13.33 -11.65
C ILE B 329 33.75 12.15 -11.76
N GLU B 330 34.71 12.23 -12.68
CA GLU B 330 35.78 11.23 -12.73
C GLU B 330 37.08 11.71 -12.11
N LYS B 331 37.24 13.02 -11.87
CA LYS B 331 38.51 13.58 -11.43
C LYS B 331 38.88 13.21 -10.01
N LEU B 332 37.91 12.80 -9.20
CA LEU B 332 38.20 12.41 -7.83
C LEU B 332 38.90 11.05 -7.75
N ALA B 333 38.85 10.25 -8.81
CA ALA B 333 39.38 8.90 -8.81
C ALA B 333 40.58 8.72 -9.72
N GLU B 334 40.91 9.70 -10.56
CA GLU B 334 42.02 9.55 -11.49
C GLU B 334 43.37 9.65 -10.81
N ILE B 335 43.45 10.30 -9.64
CA ILE B 335 44.68 10.28 -8.88
C ILE B 335 44.88 8.94 -8.17
N TYR B 336 43.80 8.17 -7.98
CA TYR B 336 43.93 6.82 -7.45
C TYR B 336 44.56 5.87 -8.45
N VAL B 337 44.54 6.19 -9.74
CA VAL B 337 45.29 5.43 -10.72
C VAL B 337 46.78 5.68 -10.56
N ASN B 338 47.15 6.92 -10.23
CA ASN B 338 48.54 7.30 -10.00
C ASN B 338 48.83 7.45 -8.51
N SER B 339 48.18 6.63 -7.69
CA SER B 339 48.44 6.61 -6.26
C SER B 339 49.30 5.41 -5.91
N SER B 340 49.68 5.35 -4.63
CA SER B 340 50.55 4.29 -4.12
C SER B 340 49.77 3.10 -3.58
N PHE B 341 48.57 2.86 -4.10
CA PHE B 341 47.78 1.69 -3.75
C PHE B 341 47.46 0.82 -4.94
N TYR B 342 47.07 1.42 -6.07
CA TYR B 342 46.61 0.66 -7.22
C TYR B 342 47.76 0.00 -7.97
N LYS B 343 48.95 0.59 -7.93
CA LYS B 343 50.09 0.05 -8.66
C LYS B 343 50.63 -1.24 -8.05
N GLU B 344 50.36 -1.49 -6.77
CA GLU B 344 50.75 -2.75 -6.16
C GLU B 344 49.57 -3.67 -5.90
N THR B 345 48.33 -3.15 -5.90
CA THR B 345 47.17 -4.03 -5.86
C THR B 345 47.03 -4.80 -7.16
N LYS B 346 47.34 -4.16 -8.28
CA LYS B 346 47.42 -4.85 -9.57
C LYS B 346 48.54 -5.88 -9.58
N ALA B 347 49.60 -5.65 -8.80
CA ALA B 347 50.75 -6.55 -8.77
C ALA B 347 50.39 -7.90 -8.17
N GLU B 348 49.48 -7.93 -7.20
CA GLU B 348 48.91 -9.21 -6.79
C GLU B 348 47.96 -9.75 -7.86
N LEU B 349 47.13 -8.88 -8.43
CA LEU B 349 46.14 -9.29 -9.42
C LEU B 349 46.79 -9.78 -10.71
N HIS B 350 47.92 -9.18 -11.11
CA HIS B 350 48.66 -9.68 -12.26
C HIS B 350 49.44 -10.95 -11.94
N GLN B 351 49.66 -11.24 -10.65
CA GLN B 351 50.27 -12.49 -10.21
C GLN B 351 49.24 -13.59 -9.98
N LEU B 352 48.08 -13.25 -9.42
CA LEU B 352 47.03 -14.25 -9.19
C LEU B 352 46.29 -14.64 -10.46
N SER B 353 46.37 -13.85 -11.53
CA SER B 353 45.70 -14.23 -12.76
C SER B 353 46.54 -15.23 -13.56
N GLY B 354 47.80 -15.42 -13.19
CA GLY B 354 48.66 -16.36 -13.87
C GLY B 354 48.32 -17.80 -13.59
N TYR B 369 18.25 -30.90 -5.13
CA TYR B 369 19.56 -30.27 -5.05
C TYR B 369 20.51 -31.10 -4.20
N THR B 370 20.49 -30.87 -2.89
CA THR B 370 21.29 -31.63 -1.95
C THR B 370 20.45 -32.43 -0.96
N THR B 371 19.15 -32.20 -0.93
CA THR B 371 18.26 -32.86 0.02
C THR B 371 17.12 -33.48 -0.78
N SER B 372 16.46 -34.47 -0.18
CA SER B 372 15.45 -35.24 -0.90
C SER B 372 14.18 -34.42 -1.12
N PHE B 373 13.36 -34.88 -2.07
CA PHE B 373 12.18 -34.13 -2.45
C PHE B 373 11.09 -34.22 -1.40
N CYS B 374 10.89 -35.43 -0.84
CA CYS B 374 9.88 -35.58 0.20
C CYS B 374 10.30 -34.89 1.49
N HIS B 375 11.60 -34.67 1.67
CA HIS B 375 12.05 -33.89 2.81
C HIS B 375 11.95 -32.40 2.55
N GLN B 376 12.12 -31.97 1.30
CA GLN B 376 12.00 -30.55 1.00
C GLN B 376 10.55 -30.11 1.03
N LEU B 377 9.63 -30.99 0.65
CA LEU B 377 8.21 -30.69 0.78
C LEU B 377 7.78 -30.68 2.23
N ARG B 378 8.39 -31.53 3.07
CA ARG B 378 7.96 -31.69 4.44
C ARG B 378 8.35 -30.49 5.29
N TRP B 379 9.32 -29.70 4.84
CA TRP B 379 9.78 -28.59 5.67
C TRP B 379 9.28 -27.24 5.21
N VAL B 380 9.07 -27.04 3.90
CA VAL B 380 8.52 -25.77 3.46
C VAL B 380 7.03 -25.71 3.80
N SER B 381 6.37 -26.86 3.88
CA SER B 381 4.99 -26.88 4.31
C SER B 381 4.89 -26.64 5.81
N LYS B 382 5.75 -27.29 6.59
CA LYS B 382 5.76 -27.14 8.05
C LYS B 382 6.08 -25.71 8.45
N ARG B 383 6.95 -25.04 7.70
CA ARG B 383 7.15 -23.62 7.92
C ARG B 383 5.92 -22.82 7.55
N SER B 384 5.29 -23.15 6.41
CA SER B 384 4.14 -22.38 5.97
C SER B 384 2.89 -22.69 6.78
N PHE B 385 2.72 -23.94 7.21
CA PHE B 385 1.57 -24.28 8.04
C PHE B 385 1.69 -23.66 9.42
N LYS B 386 2.91 -23.57 9.96
CA LYS B 386 3.10 -22.85 11.21
C LYS B 386 2.96 -21.35 11.05
N ASN B 387 3.27 -20.83 9.85
CA ASN B 387 3.04 -19.42 9.58
C ASN B 387 1.57 -19.10 9.41
N LEU B 388 0.79 -20.09 8.99
CA LEU B 388 -0.65 -19.89 8.82
C LEU B 388 -1.35 -19.76 10.16
N LEU B 389 -1.21 -20.77 11.02
CA LEU B 389 -1.86 -20.75 12.33
C LEU B 389 -1.14 -19.86 13.33
N GLY B 390 0.14 -19.57 13.11
CA GLY B 390 0.87 -18.72 14.03
C GLY B 390 0.42 -17.27 13.99
N ASN B 391 -0.12 -16.83 12.86
CA ASN B 391 -0.75 -15.52 12.73
C ASN B 391 -2.18 -15.76 12.28
N PRO B 392 -3.07 -16.11 13.19
CA PRO B 392 -4.47 -16.37 12.81
C PRO B 392 -5.31 -15.09 12.89
N GLN B 393 -4.85 -14.03 12.25
CA GLN B 393 -5.59 -12.77 12.27
C GLN B 393 -6.48 -12.63 11.05
N ALA B 394 -6.02 -13.09 9.89
CA ALA B 394 -6.81 -13.03 8.68
C ALA B 394 -7.29 -14.41 8.22
N SER B 395 -6.70 -15.49 8.75
CA SER B 395 -7.18 -16.82 8.41
C SER B 395 -8.51 -17.12 9.07
N ILE B 396 -8.62 -16.86 10.38
CA ILE B 396 -9.89 -17.05 11.08
C ILE B 396 -10.85 -15.91 10.84
N ALA B 397 -10.38 -14.80 10.26
CA ALA B 397 -11.31 -13.78 9.80
C ALA B 397 -12.08 -14.25 8.57
N GLN B 398 -11.47 -15.10 7.76
CA GLN B 398 -12.20 -15.72 6.66
C GLN B 398 -13.14 -16.80 7.15
N ILE B 399 -12.85 -17.42 8.29
CA ILE B 399 -13.72 -18.45 8.81
C ILE B 399 -15.00 -17.85 9.37
N ILE B 400 -14.88 -16.80 10.18
CA ILE B 400 -16.06 -16.20 10.79
C ILE B 400 -16.90 -15.46 9.77
N VAL B 401 -16.33 -15.03 8.65
CA VAL B 401 -17.15 -14.39 7.64
C VAL B 401 -17.77 -15.44 6.73
N THR B 402 -17.27 -16.67 6.78
CA THR B 402 -17.95 -17.74 6.06
C THR B 402 -19.11 -18.27 6.89
N VAL B 403 -18.94 -18.29 8.21
CA VAL B 403 -20.00 -18.78 9.09
C VAL B 403 -21.20 -17.85 9.06
N VAL B 404 -20.96 -16.55 9.26
CA VAL B 404 -22.10 -15.64 9.35
C VAL B 404 -22.70 -15.35 7.98
N LEU B 405 -21.96 -15.56 6.89
CA LEU B 405 -22.58 -15.45 5.58
C LEU B 405 -23.49 -16.63 5.33
N GLY B 406 -23.00 -17.84 5.62
CA GLY B 406 -23.83 -19.02 5.54
C GLY B 406 -24.98 -19.04 6.51
N LEU B 407 -24.89 -18.27 7.60
CA LEU B 407 -26.03 -18.10 8.47
C LEU B 407 -27.01 -17.07 7.92
N VAL B 408 -26.50 -16.02 7.30
CA VAL B 408 -27.38 -14.99 6.73
C VAL B 408 -28.12 -15.53 5.53
N ILE B 409 -27.40 -16.22 4.63
CA ILE B 409 -28.03 -16.92 3.51
C ILE B 409 -28.96 -18.00 4.03
N GLY B 410 -28.57 -18.64 5.15
CA GLY B 410 -29.46 -19.58 5.78
C GLY B 410 -30.69 -18.94 6.38
N ALA B 411 -30.55 -17.73 6.91
CA ALA B 411 -31.71 -17.05 7.47
C ALA B 411 -32.61 -16.49 6.39
N ILE B 412 -32.05 -16.12 5.24
CA ILE B 412 -32.86 -15.51 4.18
C ILE B 412 -33.70 -16.56 3.49
N TYR B 413 -33.07 -17.57 2.92
CA TYR B 413 -33.80 -18.62 2.22
C TYR B 413 -34.14 -19.76 3.18
N PHE B 414 -34.67 -19.47 4.35
CA PHE B 414 -34.90 -20.52 5.32
C PHE B 414 -36.17 -21.27 4.93
N GLY B 415 -35.99 -22.50 4.48
CA GLY B 415 -37.12 -23.33 4.12
C GLY B 415 -37.80 -22.84 2.86
N LEU B 416 -37.05 -22.79 1.78
CA LEU B 416 -37.59 -22.31 0.52
C LEU B 416 -38.42 -23.40 -0.12
N LYS B 417 -39.60 -23.05 -0.58
CA LYS B 417 -40.61 -24.01 -0.93
C LYS B 417 -40.66 -24.21 -2.44
N ASN B 418 -41.56 -25.08 -2.90
CA ASN B 418 -41.68 -25.46 -4.29
C ASN B 418 -42.79 -24.71 -4.99
N ASP B 419 -42.99 -23.45 -4.63
CA ASP B 419 -44.05 -22.63 -5.19
C ASP B 419 -43.60 -22.06 -6.54
N SER B 420 -44.32 -21.03 -6.99
CA SER B 420 -43.95 -20.31 -8.20
C SER B 420 -42.55 -19.72 -8.10
N THR B 421 -42.19 -19.21 -6.92
CA THR B 421 -40.86 -18.64 -6.71
C THR B 421 -39.92 -19.69 -6.17
N GLY B 422 -39.77 -20.77 -6.93
CA GLY B 422 -38.77 -21.75 -6.58
C GLY B 422 -37.57 -21.61 -7.47
N ILE B 423 -37.82 -21.45 -8.76
CA ILE B 423 -36.72 -21.29 -9.70
C ILE B 423 -36.08 -19.91 -9.55
N GLN B 424 -36.89 -18.92 -9.23
CA GLN B 424 -36.35 -17.59 -9.00
C GLN B 424 -35.56 -17.52 -7.71
N ASN B 425 -35.83 -18.40 -6.77
CA ASN B 425 -35.29 -18.29 -5.42
C ASN B 425 -34.15 -19.24 -5.15
N ARG B 426 -34.15 -20.42 -5.76
CA ARG B 426 -33.07 -21.35 -5.50
C ARG B 426 -32.03 -21.40 -6.59
N ALA B 427 -32.32 -20.90 -7.78
CA ALA B 427 -31.24 -20.63 -8.71
C ALA B 427 -30.53 -19.34 -8.37
N GLY B 428 -31.14 -18.49 -7.55
CA GLY B 428 -30.47 -17.28 -7.13
C GLY B 428 -29.37 -17.57 -6.13
N VAL B 429 -29.67 -18.40 -5.13
CA VAL B 429 -28.70 -18.68 -4.08
C VAL B 429 -27.51 -19.44 -4.62
N LEU B 430 -27.76 -20.38 -5.54
CA LEU B 430 -26.68 -21.16 -6.14
C LEU B 430 -25.83 -20.29 -7.05
N PHE B 431 -26.38 -19.21 -7.59
CA PHE B 431 -25.54 -18.24 -8.26
C PHE B 431 -24.66 -17.51 -7.25
N PHE B 432 -25.19 -17.24 -6.06
CA PHE B 432 -24.43 -16.46 -5.12
C PHE B 432 -23.27 -17.26 -4.53
N LEU B 433 -23.45 -18.56 -4.35
CA LEU B 433 -22.40 -19.35 -3.70
C LEU B 433 -21.19 -19.50 -4.60
N THR B 434 -21.42 -19.75 -5.90
CA THR B 434 -20.30 -19.97 -6.80
C THR B 434 -19.57 -18.68 -7.11
N THR B 435 -20.30 -17.58 -7.25
CA THR B 435 -19.63 -16.31 -7.49
C THR B 435 -18.96 -15.76 -6.25
N ASN B 436 -19.43 -16.10 -5.06
CA ASN B 436 -18.72 -15.68 -3.87
C ASN B 436 -17.39 -16.42 -3.74
N GLN B 437 -17.41 -17.73 -3.99
CA GLN B 437 -16.17 -18.51 -4.03
C GLN B 437 -15.25 -18.01 -5.13
N CYS B 438 -15.82 -17.56 -6.23
CA CYS B 438 -15.02 -16.93 -7.27
C CYS B 438 -14.46 -15.59 -6.81
N PHE B 439 -15.17 -14.90 -5.93
CA PHE B 439 -14.76 -13.56 -5.55
C PHE B 439 -14.12 -13.48 -4.18
N SER B 440 -14.38 -14.43 -3.28
CA SER B 440 -13.67 -14.44 -2.01
C SER B 440 -12.25 -14.93 -2.16
N SER B 441 -11.95 -15.64 -3.24
CA SER B 441 -10.60 -16.11 -3.51
C SER B 441 -9.80 -15.14 -4.35
N VAL B 442 -10.15 -13.86 -4.32
CA VAL B 442 -9.24 -12.84 -4.80
C VAL B 442 -8.11 -12.63 -3.79
N SER B 443 -8.31 -13.05 -2.53
CA SER B 443 -7.29 -12.93 -1.50
C SER B 443 -6.14 -13.89 -1.70
N ALA B 444 -6.27 -14.86 -2.59
CA ALA B 444 -5.18 -15.77 -2.92
C ALA B 444 -4.07 -15.11 -3.72
N VAL B 445 -4.25 -13.86 -4.17
CA VAL B 445 -3.14 -13.16 -4.79
C VAL B 445 -2.13 -12.76 -3.75
N GLU B 446 -2.51 -12.73 -2.47
CA GLU B 446 -1.61 -12.38 -1.38
C GLU B 446 -0.97 -13.64 -0.81
N LEU B 447 -0.43 -14.46 -1.71
CA LEU B 447 0.20 -15.73 -1.38
C LEU B 447 1.66 -15.78 -1.78
N PHE B 448 1.97 -15.50 -3.04
CA PHE B 448 3.33 -15.49 -3.53
C PHE B 448 3.85 -14.06 -3.71
N VAL B 449 3.16 -13.08 -3.16
CA VAL B 449 3.61 -11.69 -3.25
C VAL B 449 4.04 -11.13 -1.92
N VAL B 450 3.76 -11.79 -0.81
CA VAL B 450 4.33 -11.38 0.47
C VAL B 450 5.72 -11.96 0.63
N GLU B 451 5.86 -13.25 0.36
CA GLU B 451 7.14 -13.93 0.45
C GLU B 451 7.86 -14.02 -0.89
N LYS B 452 7.69 -13.02 -1.75
CA LYS B 452 8.38 -13.04 -3.03
C LYS B 452 9.87 -12.78 -2.86
N LYS B 453 10.22 -11.74 -2.10
CA LYS B 453 11.62 -11.46 -1.81
C LYS B 453 12.23 -12.50 -0.90
N LEU B 454 11.41 -13.19 -0.13
CA LEU B 454 11.87 -14.35 0.61
C LEU B 454 12.15 -15.52 -0.31
N PHE B 455 11.27 -15.76 -1.29
CA PHE B 455 11.45 -16.87 -2.21
C PHE B 455 12.63 -16.66 -3.14
N ILE B 456 12.81 -15.43 -3.63
CA ILE B 456 13.98 -15.11 -4.45
C ILE B 456 15.26 -15.34 -3.65
N HIS B 457 15.24 -15.00 -2.36
CA HIS B 457 16.42 -15.22 -1.54
C HIS B 457 16.65 -16.68 -1.24
N GLU B 458 15.57 -17.42 -0.93
CA GLU B 458 15.75 -18.80 -0.51
C GLU B 458 15.91 -19.77 -1.66
N TYR B 459 15.43 -19.44 -2.86
CA TYR B 459 15.70 -20.33 -3.99
C TYR B 459 17.14 -20.21 -4.42
N ILE B 460 17.63 -18.97 -4.55
CA ILE B 460 18.97 -18.76 -5.07
C ILE B 460 20.03 -19.21 -4.07
N SER B 461 19.69 -19.27 -2.79
CA SER B 461 20.65 -19.77 -1.80
C SER B 461 20.71 -21.28 -1.79
N GLY B 462 19.72 -21.94 -2.37
CA GLY B 462 19.72 -23.37 -2.50
C GLY B 462 18.93 -24.14 -1.47
N TYR B 463 17.93 -23.51 -0.85
CA TYR B 463 17.12 -24.22 0.13
C TYR B 463 16.28 -25.29 -0.53
N TYR B 464 15.67 -24.97 -1.66
CA TYR B 464 14.78 -25.91 -2.33
C TYR B 464 14.67 -25.56 -3.80
N ARG B 465 14.15 -26.52 -4.56
CA ARG B 465 13.77 -26.26 -5.93
C ARG B 465 12.50 -25.40 -5.97
N VAL B 466 12.16 -24.93 -7.17
CA VAL B 466 10.92 -24.18 -7.31
C VAL B 466 9.74 -25.10 -7.18
N SER B 467 9.90 -26.35 -7.60
CA SER B 467 8.84 -27.35 -7.48
C SER B 467 8.52 -27.72 -6.04
N SER B 468 9.41 -27.43 -5.10
CA SER B 468 9.13 -27.68 -3.69
C SER B 468 8.47 -26.49 -3.03
N TYR B 469 8.89 -25.27 -3.37
CA TYR B 469 8.25 -24.08 -2.83
C TYR B 469 6.83 -23.96 -3.33
N PHE B 470 6.60 -24.36 -4.58
CA PHE B 470 5.27 -24.20 -5.18
C PHE B 470 4.32 -25.24 -4.64
N LEU B 471 4.74 -26.51 -4.62
CA LEU B 471 3.85 -27.56 -4.15
C LEU B 471 3.70 -27.52 -2.64
N GLY B 472 4.70 -27.01 -1.93
CA GLY B 472 4.63 -26.99 -0.47
C GLY B 472 3.61 -26.02 0.06
N LYS B 473 3.43 -24.88 -0.61
CA LYS B 473 2.47 -23.91 -0.15
C LYS B 473 1.05 -24.22 -0.59
N LEU B 474 0.89 -24.99 -1.66
CA LEU B 474 -0.45 -25.41 -2.06
C LEU B 474 -1.02 -26.40 -1.06
N LEU B 475 -0.18 -27.28 -0.52
CA LEU B 475 -0.63 -28.20 0.51
C LEU B 475 -0.82 -27.53 1.86
N SER B 476 -0.44 -26.26 1.99
CA SER B 476 -0.49 -25.57 3.27
C SER B 476 -1.44 -24.39 3.29
N ASP B 477 -1.37 -23.53 2.28
CA ASP B 477 -2.18 -22.33 2.27
C ASP B 477 -3.28 -22.38 1.23
N LEU B 478 -3.35 -23.44 0.45
CA LEU B 478 -4.43 -23.53 -0.53
C LEU B 478 -5.40 -24.67 -0.25
N LEU B 479 -4.91 -25.84 0.15
CA LEU B 479 -5.85 -26.91 0.49
C LEU B 479 -6.61 -26.60 1.78
N PRO B 480 -5.96 -26.49 2.97
CA PRO B 480 -6.80 -26.24 4.16
C PRO B 480 -7.06 -24.77 4.42
N MET B 481 -7.30 -24.01 3.35
CA MET B 481 -7.84 -22.65 3.45
C MET B 481 -8.94 -22.36 2.45
N ARG B 482 -9.11 -23.17 1.41
CA ARG B 482 -10.27 -23.08 0.54
C ARG B 482 -11.21 -24.26 0.72
N MET B 483 -10.74 -25.36 1.29
CA MET B 483 -11.63 -26.45 1.66
C MET B 483 -12.54 -26.04 2.81
N LEU B 484 -12.06 -25.20 3.71
CA LEU B 484 -12.85 -24.79 4.87
C LEU B 484 -14.04 -23.92 4.46
N PRO B 485 -13.94 -22.91 3.57
CA PRO B 485 -15.20 -22.24 3.16
C PRO B 485 -15.93 -22.96 2.04
N SER B 486 -15.98 -24.28 2.11
CA SER B 486 -16.90 -25.07 1.30
C SER B 486 -17.56 -26.18 2.07
N ILE B 487 -17.00 -26.66 3.18
CA ILE B 487 -17.68 -27.59 4.05
C ILE B 487 -18.18 -26.93 5.33
N ILE B 488 -17.53 -25.85 5.79
CA ILE B 488 -18.18 -25.04 6.83
C ILE B 488 -19.38 -24.33 6.23
N PHE B 489 -19.25 -23.94 4.96
CA PHE B 489 -20.31 -23.22 4.28
C PHE B 489 -21.50 -24.13 4.00
N THR B 490 -21.26 -25.28 3.36
CA THR B 490 -22.37 -26.09 2.87
C THR B 490 -23.05 -26.92 3.94
N CYS B 491 -22.45 -27.10 5.11
CA CYS B 491 -23.19 -27.78 6.16
C CYS B 491 -24.22 -26.86 6.80
N ILE B 492 -23.99 -25.56 6.74
CA ILE B 492 -24.92 -24.62 7.34
C ILE B 492 -26.05 -24.29 6.38
N VAL B 493 -25.71 -24.02 5.12
CA VAL B 493 -26.68 -23.47 4.21
C VAL B 493 -27.60 -24.55 3.64
N TYR B 494 -27.18 -25.82 3.64
CA TYR B 494 -27.95 -26.84 2.93
C TYR B 494 -29.24 -27.20 3.66
N PHE B 495 -29.12 -27.71 4.88
CA PHE B 495 -30.31 -28.15 5.59
C PHE B 495 -31.13 -26.98 6.11
N MET B 496 -30.52 -25.81 6.27
CA MET B 496 -31.31 -24.64 6.61
C MET B 496 -32.14 -24.17 5.42
N LEU B 497 -31.69 -24.48 4.20
CA LEU B 497 -32.50 -24.18 3.02
C LEU B 497 -33.47 -25.31 2.72
N GLY B 498 -32.97 -26.53 2.67
CA GLY B 498 -33.80 -27.66 2.29
C GLY B 498 -33.69 -27.89 0.80
N LEU B 499 -32.47 -28.00 0.31
CA LEU B 499 -32.24 -28.02 -1.13
C LEU B 499 -32.69 -29.34 -1.74
N LYS B 500 -32.04 -30.42 -1.36
CA LYS B 500 -32.39 -31.74 -1.86
C LYS B 500 -31.92 -32.76 -0.83
N PRO B 501 -32.82 -33.41 -0.13
CA PRO B 501 -32.47 -34.18 1.07
C PRO B 501 -31.90 -35.57 0.79
N LYS B 502 -30.93 -35.64 -0.11
CA LYS B 502 -30.23 -36.89 -0.38
C LYS B 502 -28.99 -36.96 0.49
N ALA B 503 -28.11 -37.90 0.19
CA ALA B 503 -26.79 -37.96 0.80
C ALA B 503 -25.67 -37.74 -0.18
N ASP B 504 -25.86 -38.08 -1.46
CA ASP B 504 -24.87 -37.76 -2.46
C ASP B 504 -24.98 -36.30 -2.88
N ALA B 505 -26.20 -35.77 -2.92
CA ALA B 505 -26.42 -34.40 -3.37
C ALA B 505 -25.86 -33.40 -2.38
N PHE B 506 -25.79 -33.75 -1.10
CA PHE B 506 -25.05 -32.94 -0.15
C PHE B 506 -23.56 -33.03 -0.43
N PHE B 507 -23.10 -34.14 -1.00
CA PHE B 507 -21.67 -34.27 -1.27
C PHE B 507 -21.28 -33.76 -2.63
N VAL B 508 -22.13 -33.91 -3.65
CA VAL B 508 -21.78 -33.35 -4.95
C VAL B 508 -22.02 -31.86 -5.02
N MET B 509 -22.56 -31.26 -3.97
CA MET B 509 -22.54 -29.83 -3.75
C MET B 509 -21.30 -29.38 -3.00
N MET B 510 -20.92 -30.12 -1.96
CA MET B 510 -19.67 -29.82 -1.25
C MET B 510 -18.47 -30.03 -2.15
N PHE B 511 -18.55 -31.00 -3.05
CA PHE B 511 -17.45 -31.21 -3.98
C PHE B 511 -17.37 -30.09 -5.00
N THR B 512 -18.50 -29.65 -5.53
CA THR B 512 -18.41 -28.64 -6.56
C THR B 512 -18.21 -27.24 -6.00
N LEU B 513 -18.43 -27.03 -4.70
CA LEU B 513 -18.12 -25.74 -4.12
C LEU B 513 -16.64 -25.62 -3.82
N MET B 514 -16.00 -26.72 -3.50
CA MET B 514 -14.55 -26.70 -3.36
C MET B 514 -13.85 -26.88 -4.68
N MET B 515 -14.58 -27.24 -5.74
CA MET B 515 -13.94 -27.28 -7.05
C MET B 515 -13.84 -25.90 -7.66
N VAL B 516 -14.83 -25.04 -7.45
CA VAL B 516 -14.68 -23.66 -7.89
C VAL B 516 -13.73 -22.91 -6.99
N ALA B 517 -13.69 -23.26 -5.71
CA ALA B 517 -12.82 -22.56 -4.79
C ALA B 517 -11.36 -22.89 -5.05
N TYR B 518 -11.06 -24.11 -5.49
CA TYR B 518 -9.69 -24.40 -5.90
C TYR B 518 -9.40 -23.84 -7.27
N SER B 519 -10.38 -23.79 -8.15
CA SER B 519 -10.14 -23.32 -9.50
C SER B 519 -9.97 -21.81 -9.55
N ALA B 520 -10.85 -21.08 -8.89
CA ALA B 520 -10.79 -19.62 -8.95
C ALA B 520 -9.61 -19.09 -8.17
N SER B 521 -9.23 -19.76 -7.07
CA SER B 521 -8.04 -19.34 -6.34
C SER B 521 -6.79 -19.62 -7.15
N SER B 522 -6.72 -20.77 -7.80
CA SER B 522 -5.56 -21.06 -8.64
C SER B 522 -5.53 -20.21 -9.89
N MET B 523 -6.67 -19.68 -10.33
CA MET B 523 -6.61 -18.68 -11.39
C MET B 523 -6.06 -17.38 -10.85
N ALA B 524 -6.49 -16.98 -9.64
CA ALA B 524 -5.96 -15.78 -9.03
C ALA B 524 -4.52 -15.98 -8.59
N LEU B 525 -4.14 -17.22 -8.30
CA LEU B 525 -2.75 -17.52 -8.05
C LEU B 525 -1.91 -17.35 -9.30
N ALA B 526 -2.51 -17.63 -10.47
CA ALA B 526 -1.73 -17.71 -11.69
C ALA B 526 -1.30 -16.34 -12.17
N ILE B 527 -2.20 -15.39 -12.18
CA ILE B 527 -1.91 -14.11 -12.81
C ILE B 527 -1.52 -13.13 -11.73
N ALA B 528 -1.03 -13.63 -10.62
CA ALA B 528 -0.42 -12.79 -9.61
C ALA B 528 0.86 -13.35 -9.04
N ALA B 529 1.28 -14.55 -9.45
CA ALA B 529 2.54 -15.10 -8.97
C ALA B 529 3.71 -14.43 -9.67
N GLY B 530 4.83 -14.37 -8.98
CA GLY B 530 6.01 -13.74 -9.55
C GLY B 530 5.90 -12.24 -9.71
N GLN B 531 5.00 -11.60 -8.97
CA GLN B 531 4.84 -10.16 -9.02
C GLN B 531 4.98 -9.60 -7.62
N SER B 532 5.34 -8.32 -7.57
CA SER B 532 5.62 -7.64 -6.32
C SER B 532 4.46 -6.78 -5.84
N VAL B 533 3.73 -6.14 -6.76
CA VAL B 533 2.66 -5.21 -6.42
C VAL B 533 1.34 -5.84 -6.82
N VAL B 534 0.36 -5.79 -5.92
CA VAL B 534 -0.96 -6.38 -6.15
C VAL B 534 -1.94 -5.32 -6.62
N SER B 535 -1.43 -4.24 -7.20
CA SER B 535 -2.29 -3.23 -7.79
C SER B 535 -3.00 -3.80 -9.01
N VAL B 536 -2.23 -4.19 -10.03
CA VAL B 536 -2.83 -4.75 -11.23
C VAL B 536 -3.22 -6.21 -11.02
N ALA B 537 -2.68 -6.87 -9.99
CA ALA B 537 -3.06 -8.25 -9.71
C ALA B 537 -4.47 -8.36 -9.19
N THR B 538 -4.97 -7.31 -8.53
CA THR B 538 -6.38 -7.24 -8.16
C THR B 538 -7.20 -6.51 -9.20
N LEU B 539 -6.59 -5.54 -9.90
CA LEU B 539 -7.28 -4.85 -10.98
C LEU B 539 -7.57 -5.79 -12.13
N LEU B 540 -6.68 -6.74 -12.42
CA LEU B 540 -6.96 -7.68 -13.49
C LEU B 540 -7.86 -8.81 -13.01
N MET B 541 -8.18 -8.86 -11.73
CA MET B 541 -9.08 -9.89 -11.25
C MET B 541 -10.52 -9.41 -11.26
N THR B 542 -10.76 -8.29 -10.60
CA THR B 542 -12.09 -7.77 -10.40
C THR B 542 -12.76 -7.30 -11.68
N ILE B 543 -12.00 -7.04 -12.73
CA ILE B 543 -12.61 -6.75 -14.03
C ILE B 543 -12.64 -7.97 -14.92
N CYS B 544 -12.04 -9.07 -14.49
CA CYS B 544 -12.15 -10.32 -15.24
C CYS B 544 -13.18 -11.27 -14.66
N PHE B 545 -13.35 -11.30 -13.35
CA PHE B 545 -14.39 -12.13 -12.79
C PHE B 545 -15.79 -11.56 -12.98
N VAL B 546 -15.92 -10.32 -13.45
CA VAL B 546 -17.21 -9.87 -13.93
C VAL B 546 -17.39 -10.15 -15.42
N PHE B 547 -16.31 -10.48 -16.13
CA PHE B 547 -16.39 -11.06 -17.46
C PHE B 547 -16.67 -12.55 -17.41
N MET B 548 -16.88 -13.10 -16.24
CA MET B 548 -17.19 -14.51 -16.06
C MET B 548 -18.55 -14.73 -15.42
N MET B 549 -18.94 -13.92 -14.46
CA MET B 549 -20.26 -14.11 -13.87
C MET B 549 -21.37 -13.60 -14.77
N ILE B 550 -21.06 -12.83 -15.80
CA ILE B 550 -22.04 -12.59 -16.86
C ILE B 550 -22.34 -13.89 -17.59
N PHE B 551 -21.31 -14.54 -18.10
CA PHE B 551 -21.42 -15.84 -18.75
C PHE B 551 -21.46 -16.93 -17.68
N SER B 552 -22.54 -16.95 -16.93
CA SER B 552 -22.70 -18.01 -15.95
C SER B 552 -24.13 -18.50 -15.87
N GLY B 553 -24.96 -18.21 -16.85
CA GLY B 553 -26.25 -18.84 -16.93
C GLY B 553 -27.33 -18.29 -16.02
N LEU B 554 -27.10 -17.15 -15.37
CA LEU B 554 -28.16 -16.49 -14.63
C LEU B 554 -28.59 -15.19 -15.27
N LEU B 555 -27.65 -14.29 -15.49
CA LEU B 555 -28.01 -13.00 -16.05
C LEU B 555 -28.19 -13.02 -17.56
N VAL B 556 -28.03 -14.17 -18.22
CA VAL B 556 -27.87 -14.12 -19.67
C VAL B 556 -28.73 -15.11 -20.46
N ASN B 557 -29.09 -16.25 -19.87
CA ASN B 557 -29.65 -17.39 -20.59
C ASN B 557 -28.82 -17.75 -21.82
N LEU B 558 -27.65 -18.35 -21.52
CA LEU B 558 -26.55 -18.66 -22.44
C LEU B 558 -26.92 -19.20 -23.81
N THR B 559 -28.06 -19.87 -23.96
CA THR B 559 -28.42 -20.37 -25.27
C THR B 559 -29.10 -19.32 -26.13
N THR B 560 -29.11 -18.06 -25.73
CA THR B 560 -29.73 -17.03 -26.53
C THR B 560 -28.76 -15.98 -27.06
N ILE B 561 -27.55 -15.90 -26.53
CA ILE B 561 -26.53 -15.06 -27.16
C ILE B 561 -26.09 -15.73 -28.45
N ALA B 562 -26.01 -14.93 -29.52
CA ALA B 562 -25.60 -15.43 -30.83
C ALA B 562 -24.18 -15.97 -30.77
N SER B 563 -23.92 -16.97 -31.62
CA SER B 563 -22.80 -17.88 -31.43
C SER B 563 -21.44 -17.25 -31.67
N TRP B 564 -21.37 -16.06 -32.27
CA TRP B 564 -20.08 -15.46 -32.57
C TRP B 564 -19.38 -14.91 -31.35
N LEU B 565 -20.06 -14.84 -30.21
CA LEU B 565 -19.41 -14.48 -28.97
C LEU B 565 -19.88 -15.37 -27.83
N SER B 566 -20.81 -16.29 -28.09
CA SER B 566 -21.22 -17.26 -27.09
C SER B 566 -20.20 -18.33 -26.82
N TRP B 567 -19.13 -18.40 -27.63
CA TRP B 567 -18.02 -19.29 -27.33
C TRP B 567 -17.27 -18.89 -26.07
N LEU B 568 -17.45 -17.66 -25.60
CA LEU B 568 -16.82 -17.18 -24.39
C LEU B 568 -17.37 -17.83 -23.14
N GLN B 569 -18.48 -18.56 -23.23
CA GLN B 569 -19.06 -19.19 -22.05
C GLN B 569 -18.20 -20.31 -21.49
N TYR B 570 -17.26 -20.82 -22.26
CA TYR B 570 -16.42 -21.92 -21.79
C TYR B 570 -15.22 -21.43 -21.01
N PHE B 571 -14.83 -20.18 -21.20
CA PHE B 571 -13.67 -19.60 -20.55
C PHE B 571 -14.06 -18.91 -19.25
N SER B 572 -14.82 -19.60 -18.40
CA SER B 572 -15.40 -18.92 -17.24
C SER B 572 -15.64 -19.93 -16.14
N ILE B 573 -14.96 -19.76 -15.01
CA ILE B 573 -15.07 -20.67 -13.88
C ILE B 573 -16.50 -20.78 -13.31
N PRO B 574 -17.22 -19.67 -13.02
CA PRO B 574 -18.51 -19.86 -12.35
C PRO B 574 -19.60 -20.46 -13.19
N ARG B 575 -19.43 -20.63 -14.50
CA ARG B 575 -20.45 -21.32 -15.27
C ARG B 575 -20.45 -22.80 -14.93
N TYR B 576 -19.28 -23.39 -14.77
CA TYR B 576 -19.19 -24.80 -14.43
C TYR B 576 -19.66 -25.06 -13.01
N GLY B 577 -19.49 -24.08 -12.13
CA GLY B 577 -19.94 -24.28 -10.78
C GLY B 577 -21.44 -24.15 -10.70
N PHE B 578 -21.98 -23.13 -11.36
CA PHE B 578 -23.42 -22.89 -11.31
C PHE B 578 -24.19 -24.00 -12.00
N THR B 579 -23.68 -24.51 -13.11
CA THR B 579 -24.37 -25.57 -13.83
C THR B 579 -24.33 -26.87 -13.04
N ALA B 580 -23.17 -27.21 -12.46
CA ALA B 580 -23.08 -28.39 -11.63
C ALA B 580 -23.88 -28.26 -10.35
N LEU B 581 -23.99 -27.04 -9.83
CA LEU B 581 -24.88 -26.83 -8.70
C LEU B 581 -26.33 -26.78 -9.10
N GLN B 582 -26.62 -26.50 -10.38
CA GLN B 582 -28.00 -26.54 -10.83
C GLN B 582 -28.41 -27.95 -11.22
N HIS B 583 -27.50 -28.72 -11.79
CA HIS B 583 -27.86 -30.05 -12.28
C HIS B 583 -28.17 -30.99 -11.15
N ASN B 584 -27.50 -30.85 -10.01
CA ASN B 584 -27.84 -31.71 -8.89
C ASN B 584 -28.96 -31.14 -8.05
N GLU B 585 -29.53 -30.02 -8.44
CA GLU B 585 -30.61 -29.40 -7.69
C GLU B 585 -31.94 -29.46 -8.41
N PHE B 586 -32.00 -29.10 -9.69
CA PHE B 586 -33.24 -29.20 -10.44
C PHE B 586 -33.25 -30.54 -11.15
N LEU B 587 -33.63 -31.59 -10.42
CA LEU B 587 -33.79 -32.86 -11.10
C LEU B 587 -35.01 -33.65 -10.69
N GLY B 588 -35.66 -33.36 -9.58
CA GLY B 588 -36.84 -34.09 -9.21
C GLY B 588 -37.96 -33.18 -8.79
N GLN B 589 -37.66 -31.90 -8.59
CA GLN B 589 -38.65 -30.96 -8.11
C GLN B 589 -39.57 -30.56 -9.25
N ASN B 590 -40.83 -30.30 -8.91
CA ASN B 590 -41.78 -29.65 -9.79
C ASN B 590 -42.34 -28.46 -9.04
N PHE B 591 -42.13 -27.27 -9.60
CA PHE B 591 -42.46 -26.01 -8.94
C PHE B 591 -43.89 -25.58 -9.27
N CYS B 592 -44.82 -26.48 -9.06
CA CYS B 592 -46.13 -26.29 -9.67
C CYS B 592 -47.18 -27.11 -8.94
N PRO B 593 -47.57 -26.71 -7.73
CA PRO B 593 -48.56 -27.51 -6.99
C PRO B 593 -49.97 -27.25 -7.49
N GLY B 594 -50.76 -28.31 -7.55
CA GLY B 594 -52.09 -28.27 -8.11
C GLY B 594 -52.20 -28.86 -9.49
N LEU B 595 -51.08 -29.30 -10.07
CA LEU B 595 -51.05 -29.89 -11.39
C LEU B 595 -49.80 -30.76 -11.48
N ASN B 596 -49.65 -31.45 -12.60
CA ASN B 596 -48.41 -32.15 -12.93
C ASN B 596 -48.02 -31.84 -14.36
N ALA B 597 -46.76 -31.50 -14.57
CA ALA B 597 -46.26 -31.16 -15.90
C ALA B 597 -45.18 -32.14 -16.31
N THR B 598 -45.48 -33.44 -16.12
CA THR B 598 -44.54 -34.49 -16.50
C THR B 598 -44.57 -34.74 -18.00
N GLY B 599 -45.71 -35.17 -18.54
CA GLY B 599 -45.80 -35.46 -19.95
C GLY B 599 -46.95 -34.81 -20.69
N ASN B 600 -47.96 -34.36 -19.95
CA ASN B 600 -49.22 -33.90 -20.52
C ASN B 600 -49.59 -32.55 -19.91
N ASN B 601 -49.43 -31.48 -20.68
CA ASN B 601 -49.77 -30.15 -20.20
C ASN B 601 -50.08 -29.22 -21.36
N PRO B 602 -51.24 -28.56 -21.35
CA PRO B 602 -51.44 -27.43 -22.27
C PRO B 602 -50.90 -26.13 -21.68
N CYS B 603 -51.03 -25.02 -22.41
CA CYS B 603 -50.70 -23.66 -21.94
C CYS B 603 -49.23 -23.55 -21.52
N ASN B 604 -48.35 -23.61 -22.53
CA ASN B 604 -46.91 -23.65 -22.31
C ASN B 604 -46.38 -22.26 -21.92
N TYR B 605 -45.05 -22.10 -22.00
CA TYR B 605 -44.28 -21.09 -21.27
C TYR B 605 -44.55 -21.19 -19.77
N ALA B 606 -44.55 -22.41 -19.26
CA ALA B 606 -44.90 -22.66 -17.86
C ALA B 606 -43.68 -22.86 -16.98
N THR B 607 -42.78 -23.78 -17.37
CA THR B 607 -41.65 -24.26 -16.56
C THR B 607 -42.08 -24.69 -15.17
N CYS B 608 -42.95 -25.70 -15.14
CA CYS B 608 -43.46 -26.18 -13.85
C CYS B 608 -42.56 -27.24 -13.25
N THR B 609 -42.10 -28.19 -14.05
CA THR B 609 -41.25 -29.26 -13.59
C THR B 609 -39.78 -28.87 -13.80
N GLY B 610 -38.91 -29.42 -12.95
CA GLY B 610 -37.57 -28.87 -12.82
C GLY B 610 -36.65 -29.13 -14.01
N GLU B 611 -36.83 -30.26 -14.68
CA GLU B 611 -35.94 -30.57 -15.80
C GLU B 611 -36.21 -29.67 -17.00
N GLU B 612 -37.44 -29.17 -17.13
CA GLU B 612 -37.74 -28.20 -18.19
C GLU B 612 -37.06 -26.87 -17.94
N TYR B 613 -36.73 -26.58 -16.69
CA TYR B 613 -35.98 -25.37 -16.40
C TYR B 613 -34.55 -25.50 -16.90
N LEU B 614 -33.98 -26.70 -16.81
CA LEU B 614 -32.61 -26.87 -17.24
C LEU B 614 -32.46 -26.86 -18.75
N VAL B 615 -33.43 -27.40 -19.49
CA VAL B 615 -33.31 -27.43 -20.95
C VAL B 615 -33.50 -26.07 -21.56
N LYS B 616 -34.10 -25.12 -20.84
CA LYS B 616 -34.14 -23.75 -21.32
C LYS B 616 -32.79 -23.07 -21.13
N GLN B 617 -32.03 -23.51 -20.12
CA GLN B 617 -30.67 -23.03 -19.96
C GLN B 617 -29.69 -23.79 -20.83
N GLY B 618 -30.12 -24.87 -21.48
CA GLY B 618 -29.20 -25.66 -22.26
C GLY B 618 -28.25 -26.49 -21.43
N ILE B 619 -28.64 -26.83 -20.21
CA ILE B 619 -27.83 -27.72 -19.38
C ILE B 619 -28.30 -29.15 -19.62
N ASP B 620 -27.37 -30.02 -20.01
CA ASP B 620 -27.72 -31.37 -20.40
C ASP B 620 -28.20 -32.17 -19.21
N LEU B 621 -29.31 -32.89 -19.40
CA LEU B 621 -29.92 -33.66 -18.33
C LEU B 621 -29.22 -34.98 -18.07
N SER B 622 -28.26 -35.36 -18.91
CA SER B 622 -27.56 -36.62 -18.73
C SER B 622 -26.67 -36.55 -17.49
N PRO B 623 -26.44 -37.68 -16.82
CA PRO B 623 -25.56 -37.68 -15.65
C PRO B 623 -24.14 -37.30 -15.95
N TRP B 624 -23.67 -37.48 -17.18
CA TRP B 624 -22.38 -36.93 -17.57
C TRP B 624 -22.41 -35.41 -17.58
N GLY B 625 -23.58 -34.82 -17.83
CA GLY B 625 -23.74 -33.38 -17.87
C GLY B 625 -23.54 -32.67 -16.55
N LEU B 626 -23.55 -33.41 -15.43
CA LEU B 626 -23.06 -32.86 -14.17
C LEU B 626 -21.54 -32.86 -14.16
N TRP B 627 -20.95 -34.04 -14.31
CA TRP B 627 -19.51 -34.22 -14.21
C TRP B 627 -18.78 -33.73 -15.44
N LYS B 628 -19.48 -33.25 -16.47
CA LYS B 628 -18.85 -32.53 -17.55
C LYS B 628 -18.14 -31.27 -17.03
N ASN B 629 -18.73 -30.64 -16.02
CA ASN B 629 -18.17 -29.41 -15.48
C ASN B 629 -16.94 -29.69 -14.63
N HIS B 630 -16.95 -30.75 -13.84
CA HIS B 630 -15.86 -30.99 -12.91
C HIS B 630 -14.59 -31.39 -13.64
N VAL B 631 -14.70 -32.20 -14.68
CA VAL B 631 -13.54 -32.53 -15.49
C VAL B 631 -13.13 -31.35 -16.36
N ALA B 632 -14.01 -30.35 -16.52
CA ALA B 632 -13.61 -29.07 -17.08
C ALA B 632 -13.06 -28.15 -16.02
N LEU B 633 -13.42 -28.37 -14.76
CA LEU B 633 -12.88 -27.56 -13.68
C LEU B 633 -11.55 -28.12 -13.21
N ALA B 634 -11.40 -29.43 -13.21
CA ALA B 634 -10.12 -30.02 -12.86
C ALA B 634 -9.07 -29.74 -13.92
N CYS B 635 -9.45 -29.70 -15.19
CA CYS B 635 -8.52 -29.22 -16.20
C CYS B 635 -8.30 -27.72 -16.11
N MET B 636 -9.26 -26.99 -15.54
CA MET B 636 -9.06 -25.57 -15.32
C MET B 636 -8.07 -25.30 -14.21
N ILE B 637 -7.99 -26.21 -13.23
CA ILE B 637 -7.01 -26.06 -12.16
C ILE B 637 -5.61 -26.27 -12.71
N VAL B 638 -5.40 -27.40 -13.39
CA VAL B 638 -4.06 -27.84 -13.77
C VAL B 638 -3.47 -26.93 -14.85
N ILE B 639 -4.32 -26.42 -15.74
CA ILE B 639 -3.85 -25.42 -16.71
C ILE B 639 -3.44 -24.14 -15.99
N PHE B 640 -4.27 -23.69 -15.05
CA PHE B 640 -3.98 -22.45 -14.35
C PHE B 640 -2.94 -22.65 -13.26
N LEU B 641 -2.65 -23.88 -12.88
CA LEU B 641 -1.59 -24.08 -11.90
C LEU B 641 -0.22 -24.07 -12.56
N THR B 642 -0.10 -24.70 -13.73
CA THR B 642 1.22 -24.80 -14.35
C THR B 642 1.68 -23.49 -14.96
N ILE B 643 0.78 -22.55 -15.22
CA ILE B 643 1.25 -21.24 -15.61
C ILE B 643 1.79 -20.51 -14.39
N ALA B 644 1.26 -20.80 -13.20
CA ALA B 644 1.82 -20.22 -11.99
C ALA B 644 3.17 -20.82 -11.67
N TYR B 645 3.33 -22.13 -11.91
CA TYR B 645 4.62 -22.76 -11.70
C TYR B 645 5.64 -22.25 -12.71
N LEU B 646 5.19 -21.93 -13.91
CA LEU B 646 6.08 -21.35 -14.91
C LEU B 646 6.54 -19.97 -14.50
N LYS B 647 5.63 -19.16 -13.98
CA LYS B 647 5.96 -17.78 -13.65
C LYS B 647 6.89 -17.67 -12.46
N LEU B 648 6.94 -18.68 -11.61
CA LEU B 648 7.98 -18.71 -10.59
C LEU B 648 9.26 -19.31 -11.10
N LEU B 649 9.18 -20.27 -12.01
CA LEU B 649 10.40 -20.87 -12.53
C LEU B 649 11.07 -19.94 -13.53
N PHE B 650 10.30 -19.30 -14.40
CA PHE B 650 10.85 -18.34 -15.35
C PHE B 650 10.69 -16.93 -14.78
N LEU B 651 11.25 -16.74 -13.59
CA LEU B 651 11.26 -15.43 -12.97
C LEU B 651 12.72 -15.00 -12.82
N LYS B 652 13.00 -13.75 -13.15
CA LYS B 652 14.36 -13.25 -13.01
C LYS B 652 14.65 -13.03 -11.54
N LYS B 653 15.54 -13.85 -11.01
CA LYS B 653 15.87 -13.87 -9.59
C LYS B 653 17.30 -13.40 -9.35
N TYR B 654 17.70 -12.34 -10.05
CA TYR B 654 19.03 -11.80 -9.89
C TYR B 654 18.98 -10.31 -9.56
C1 CLR C . -39.34 4.24 3.05
C2 CLR C . -40.46 4.21 2.01
C3 CLR C . -41.11 5.58 1.83
C4 CLR C . -40.05 6.58 1.35
C5 CLR C . -38.86 6.53 2.28
C6 CLR C . -38.38 7.66 2.82
C7 CLR C . -36.90 7.85 3.08
C8 CLR C . -36.22 6.49 3.31
C9 CLR C . -37.24 5.42 3.73
C10 CLR C . -38.24 5.21 2.61
C11 CLR C . -36.58 4.10 4.15
C12 CLR C . -35.36 4.26 5.06
C13 CLR C . -34.43 5.27 4.43
C14 CLR C . -35.16 6.58 4.38
C15 CLR C . -34.08 7.64 4.21
C16 CLR C . -32.84 7.03 4.88
C17 CLR C . -33.14 5.57 5.17
C18 CLR C . -34.09 4.82 3.00
C19 CLR C . -37.54 4.68 1.37
C20 CLR C . -32.01 4.66 4.74
C21 CLR C . -32.12 3.28 5.39
C22 CLR C . -30.66 5.30 5.03
C23 CLR C . -29.85 4.47 6.03
C24 CLR C . -29.35 5.34 7.18
C25 CLR C . -27.87 5.06 7.47
C26 CLR C . -27.23 6.21 8.22
C27 CLR C . -27.72 3.75 8.25
O1 CLR C . -42.16 5.50 0.87
OAC MIX D . -16.75 -3.51 -12.29
CAK MIX D . -17.06 -4.42 -11.28
CAM MIX D . -16.42 -3.91 -9.92
NAS MIX D . -16.48 -4.99 -8.86
CAO MIX D . -15.43 -4.67 -7.91
CAQ MIX D . -15.68 -5.35 -6.52
NAU MIX D . -15.57 -6.81 -6.65
CAY MIX D . -15.66 -7.72 -5.47
CAI MIX D . -14.67 -7.76 -4.48
CAJ MIX D . -14.80 -8.64 -3.39
CBE MIX D . -16.75 -8.56 -5.38
CBA MIX D . -17.84 -8.51 -6.49
OAA MIX D . -17.73 -7.78 -7.39
CBC MIX D . -19.07 -9.44 -6.38
CAW MIX D . -20.04 -9.40 -7.36
OAE MIX D . -20.01 -8.58 -8.47
CAG MIX D . -21.14 -10.25 -7.27
CAH MIX D . -21.27 -11.11 -6.19
CAX MIX D . -20.28 -11.14 -5.19
OAF MIX D . -20.44 -12.03 -4.12
CBD MIX D . -19.19 -10.32 -5.29
CBB MIX D . -18.11 -10.36 -4.18
OAB MIX D . -18.21 -11.10 -3.27
CBF MIX D . -16.88 -9.44 -4.29
CAZ MIX D . -15.92 -9.47 -3.30
NAV MIX D . -16.19 -10.44 -2.24
CAR MIX D . -15.51 -10.37 -0.94
CAP MIX D . -16.38 -11.16 0.04
NAT MIX D . -15.64 -11.38 1.27
CAN MIX D . -15.79 -12.83 1.68
CAL MIX D . -17.26 -13.14 1.95
OAD MIX D . -17.71 -14.01 1.01
C1 CLR E . -15.10 -28.62 -23.30
C2 CLR E . -16.25 -29.61 -23.11
C3 CLR E . -15.75 -31.04 -22.99
C4 CLR E . -14.83 -31.17 -21.78
C5 CLR E . -13.76 -30.11 -21.87
C6 CLR E . -12.47 -30.44 -21.74
C7 CLR E . -11.48 -29.51 -21.06
C8 CLR E . -11.91 -28.06 -21.21
C9 CLR E . -12.89 -27.87 -22.38
C10 CLR E . -14.16 -28.67 -22.10
C11 CLR E . -13.22 -26.41 -22.68
C12 CLR E . -12.00 -25.47 -22.69
C13 CLR E . -11.22 -25.72 -21.41
C14 CLR E . -10.73 -27.14 -21.45
C15 CLR E . -9.58 -27.19 -20.45
C16 CLR E . -9.00 -25.78 -20.45
C17 CLR E . -9.96 -24.89 -21.22
C18 CLR E . -12.14 -25.52 -20.22
C19 CLR E . -14.86 -28.14 -20.86
C20 CLR E . -10.24 -23.59 -20.47
C21 CLR E . -10.85 -22.55 -21.41
C22 CLR E . -8.98 -23.06 -19.80
C23 CLR E . -8.58 -21.70 -20.36
C24 CLR E . -7.12 -21.69 -20.76
C25 CLR E . -6.42 -20.44 -20.25
C26 CLR E . -4.91 -20.63 -20.19
C27 CLR E . -6.77 -19.23 -21.10
O1 CLR E . -16.86 -31.92 -22.85
#